data_4HUH
#
_entry.id   4HUH
#
_cell.length_a   65.874
_cell.length_b   76.305
_cell.length_c   93.893
_cell.angle_alpha   109.04
_cell.angle_beta   104.62
_cell.angle_gamma   89.30
#
_symmetry.space_group_name_H-M   'P 1'
#
_entity_poly.entity_id   1
_entity_poly.type   'polypeptide(L)'
_entity_poly.pdbx_seq_one_letter_code
;MFGYFYNSSFRRYATLMGDLFSNIQIKRQLESGDKFIRVPITYASKEHFMMKLNKWTSINSQEDVAKVETILPRINLHLV
DFSYNAPFKTNILNQNLLQKGATSVVSQYNPSPIKMIYELSIFTRYEDDMFQIVEQILPYFQPHFNTTMYEQFGNDIPFK
RDIKIVLMSAAIDEAIDGDNLSRRRIEWSLTFEVNGWMYPPVDDAEGLIRTTYTDFHANTRDLPDGEGVFESVDSEVVPR
DIDPEDWDGTVKQTFTSNVNR
;
_entity_poly.pdbx_strand_id   A,B,C,D,E,F
#
# COMPACT_ATOMS: atom_id res chain seq x y z
N GLY A 3 -6.49 -37.79 -26.11
CA GLY A 3 -6.52 -37.75 -24.66
C GLY A 3 -6.61 -36.33 -24.12
N TYR A 4 -7.38 -35.48 -24.80
CA TYR A 4 -7.58 -34.09 -24.40
C TYR A 4 -8.58 -33.37 -25.29
N PHE A 5 -9.28 -32.40 -24.75
CA PHE A 5 -10.24 -31.66 -25.56
C PHE A 5 -9.50 -30.87 -26.63
N TYR A 6 -9.36 -31.48 -27.81
CA TYR A 6 -8.64 -30.90 -28.94
C TYR A 6 -9.22 -29.57 -29.37
N ASN A 7 -10.54 -29.46 -29.39
CA ASN A 7 -11.19 -28.23 -29.81
C ASN A 7 -11.29 -27.13 -28.74
N SER A 8 -10.60 -27.33 -27.63
CA SER A 8 -10.54 -26.31 -26.58
C SER A 8 -10.08 -24.95 -27.12
N SER A 9 -10.93 -23.93 -26.98
CA SER A 9 -10.54 -22.56 -27.32
C SER A 9 -9.24 -22.13 -26.61
N PHE A 10 -9.24 -22.24 -25.29
CA PHE A 10 -8.06 -21.99 -24.49
C PHE A 10 -6.83 -22.66 -25.06
N ARG A 11 -6.88 -23.96 -25.23
CA ARG A 11 -5.78 -24.71 -25.83
C ARG A 11 -5.31 -24.10 -27.15
N ARG A 12 -6.27 -23.73 -28.02
CA ARG A 12 -5.94 -23.12 -29.30
C ARG A 12 -5.13 -21.85 -29.09
N TYR A 13 -5.50 -21.05 -28.10
CA TYR A 13 -4.70 -19.85 -27.82
C TYR A 13 -3.33 -20.15 -27.23
N ALA A 14 -3.24 -21.10 -26.31
CA ALA A 14 -1.93 -21.48 -25.77
C ALA A 14 -1.02 -21.94 -26.88
N THR A 15 -1.59 -22.68 -27.82
CA THR A 15 -0.79 -23.18 -28.92
C THR A 15 -0.42 -22.06 -29.89
N LEU A 16 -1.37 -21.23 -30.28
CA LEU A 16 -1.06 -20.05 -31.11
C LEU A 16 0.09 -19.23 -30.54
N MET A 17 -0.02 -18.86 -29.27
CA MET A 17 1.05 -18.09 -28.63
C MET A 17 2.34 -18.88 -28.59
N GLY A 18 2.27 -20.15 -28.19
CA GLY A 18 3.45 -20.98 -28.16
C GLY A 18 4.18 -21.01 -29.50
N ASP A 19 3.41 -21.06 -30.57
CA ASP A 19 3.91 -21.27 -31.92
C ASP A 19 4.45 -19.98 -32.51
N LEU A 20 3.91 -18.84 -32.11
CA LEU A 20 4.54 -17.59 -32.52
C LEU A 20 5.98 -17.54 -32.01
N PHE A 21 6.17 -18.04 -30.80
CA PHE A 21 7.49 -18.02 -30.18
C PHE A 21 8.19 -19.39 -30.25
N SER A 22 7.71 -20.27 -31.12
CA SER A 22 8.20 -21.64 -31.16
C SER A 22 9.55 -21.77 -31.86
N ASN A 23 9.76 -20.90 -32.85
CA ASN A 23 10.88 -21.02 -33.77
C ASN A 23 11.86 -19.86 -33.65
N ILE A 24 12.41 -19.68 -32.44
CA ILE A 24 13.41 -18.64 -32.17
C ILE A 24 14.78 -19.28 -31.96
N GLN A 25 15.80 -18.80 -32.65
CA GLN A 25 17.12 -19.37 -32.43
C GLN A 25 18.14 -18.37 -31.95
N ILE A 26 19.26 -18.88 -31.45
CA ILE A 26 20.38 -18.02 -31.07
C ILE A 26 21.66 -18.57 -31.69
N LYS A 27 22.48 -17.65 -32.20
CA LYS A 27 23.77 -17.97 -32.78
C LYS A 27 24.78 -18.21 -31.66
N ARG A 28 25.83 -18.97 -31.93
CA ARG A 28 26.74 -19.42 -30.89
C ARG A 28 28.07 -19.77 -31.53
N GLN A 29 28.95 -18.77 -31.64
CA GLN A 29 30.22 -18.89 -32.37
C GLN A 29 31.18 -19.99 -31.90
N LEU A 30 31.64 -20.80 -32.85
CA LEU A 30 32.53 -21.91 -32.56
C LEU A 30 33.85 -21.76 -33.32
N GLU A 31 34.82 -22.58 -32.94
CA GLU A 31 36.06 -22.69 -33.68
C GLU A 31 35.70 -23.24 -35.05
N SER A 32 34.97 -24.34 -35.05
CA SER A 32 34.45 -24.91 -36.28
C SER A 32 33.61 -23.85 -36.98
N GLY A 33 32.60 -23.35 -36.26
CA GLY A 33 31.77 -22.26 -36.75
C GLY A 33 30.43 -22.10 -36.05
N ASP A 34 29.83 -20.93 -36.25
CA ASP A 34 28.51 -20.57 -35.74
C ASP A 34 27.56 -21.74 -35.57
N LYS A 35 27.25 -22.07 -34.32
CA LYS A 35 26.18 -23.02 -34.00
C LYS A 35 24.87 -22.31 -33.74
N PHE A 36 23.81 -22.66 -34.46
CA PHE A 36 22.50 -22.09 -34.18
C PHE A 36 21.67 -23.05 -33.36
N ILE A 37 21.06 -22.57 -32.27
CA ILE A 37 20.18 -23.44 -31.49
C ILE A 37 18.78 -22.88 -31.27
N ARG A 38 17.78 -23.73 -31.49
CA ARG A 38 16.38 -23.37 -31.30
C ARG A 38 16.10 -23.40 -29.82
N VAL A 39 15.49 -22.32 -29.31
CA VAL A 39 15.07 -22.22 -27.93
C VAL A 39 13.77 -23.03 -27.78
N PRO A 40 13.81 -24.11 -26.98
CA PRO A 40 12.67 -24.96 -26.65
C PRO A 40 11.69 -24.21 -25.76
N ILE A 41 10.40 -24.48 -25.92
CA ILE A 41 9.38 -23.72 -25.24
C ILE A 41 8.41 -24.68 -24.55
N THR A 42 8.01 -24.36 -23.33
CA THR A 42 7.13 -25.20 -22.52
C THR A 42 5.91 -24.43 -22.09
N TYR A 43 4.85 -25.14 -21.72
CA TYR A 43 3.65 -24.51 -21.17
C TYR A 43 3.33 -25.11 -19.81
N ALA A 44 3.55 -24.33 -18.77
CA ALA A 44 3.44 -24.83 -17.43
C ALA A 44 3.40 -23.62 -16.52
N SER A 45 2.82 -23.78 -15.34
CA SER A 45 2.83 -22.74 -14.34
C SER A 45 4.27 -22.37 -14.08
N LYS A 46 4.52 -21.10 -13.83
CA LYS A 46 5.90 -20.64 -13.69
C LYS A 46 6.61 -21.32 -12.52
N GLU A 47 5.89 -21.48 -11.42
CA GLU A 47 6.47 -22.10 -10.24
C GLU A 47 6.89 -23.53 -10.52
N HIS A 48 5.99 -24.28 -11.15
CA HIS A 48 6.26 -25.66 -11.54
C HIS A 48 7.50 -25.74 -12.41
N PHE A 49 7.56 -24.84 -13.39
CA PHE A 49 8.67 -24.81 -14.32
C PHE A 49 9.99 -24.54 -13.62
N MET A 50 9.99 -23.58 -12.69
CA MET A 50 11.22 -23.27 -11.95
C MET A 50 11.64 -24.43 -11.04
N MET A 51 10.67 -25.07 -10.39
CA MET A 51 10.94 -26.29 -9.65
C MET A 51 11.69 -27.28 -10.51
N LYS A 52 11.06 -27.70 -11.59
CA LYS A 52 11.64 -28.70 -12.49
C LYS A 52 12.99 -28.23 -13.06
N LEU A 53 13.14 -26.93 -13.26
CA LEU A 53 14.36 -26.38 -13.80
C LEU A 53 15.48 -26.49 -12.80
N ASN A 54 15.19 -26.29 -11.52
CA ASN A 54 16.20 -26.45 -10.48
C ASN A 54 16.54 -27.93 -10.30
N LYS A 55 15.57 -28.79 -10.55
CA LYS A 55 15.83 -30.22 -10.56
C LYS A 55 16.84 -30.56 -11.67
N TRP A 56 16.51 -30.17 -12.90
CA TRP A 56 17.33 -30.43 -14.09
C TRP A 56 18.71 -29.82 -13.99
N THR A 57 18.78 -28.62 -13.46
CA THR A 57 20.02 -27.88 -13.45
C THR A 57 21.00 -28.46 -12.41
N SER A 58 20.48 -29.27 -11.49
CA SER A 58 21.26 -29.85 -10.40
C SER A 58 22.21 -30.95 -10.87
N ILE A 59 23.37 -31.03 -10.23
CA ILE A 59 24.46 -31.88 -10.68
C ILE A 59 24.59 -33.06 -9.72
N ASN A 60 24.05 -34.22 -10.13
CA ASN A 60 24.05 -35.41 -9.29
C ASN A 60 25.09 -36.42 -9.72
N SER A 61 25.33 -36.49 -11.04
CA SER A 61 26.41 -37.30 -11.63
C SER A 61 27.27 -36.48 -12.61
N GLN A 62 28.47 -36.96 -12.91
CA GLN A 62 29.33 -36.31 -13.92
C GLN A 62 28.64 -36.27 -15.27
N GLU A 63 27.95 -37.38 -15.60
CA GLU A 63 26.98 -37.42 -16.68
C GLU A 63 26.18 -36.11 -16.75
N ASP A 64 25.84 -35.55 -15.59
CA ASP A 64 25.14 -34.28 -15.57
C ASP A 64 26.06 -33.16 -16.05
N VAL A 65 27.02 -32.76 -15.21
CA VAL A 65 27.92 -31.60 -15.46
C VAL A 65 27.91 -31.05 -16.88
N ALA A 66 28.35 -31.88 -17.83
CA ALA A 66 28.28 -31.54 -19.24
C ALA A 66 26.84 -31.28 -19.68
N LYS A 67 26.00 -32.29 -19.59
CA LYS A 67 24.56 -32.17 -19.83
C LYS A 67 23.94 -31.15 -18.87
N VAL A 68 24.15 -29.85 -19.07
CA VAL A 68 23.49 -28.84 -18.23
C VAL A 68 23.45 -27.45 -18.88
N GLU A 69 24.47 -27.08 -19.63
CA GLU A 69 24.32 -25.93 -20.52
C GLU A 69 23.51 -26.27 -21.75
N THR A 70 22.97 -27.48 -21.75
CA THR A 70 22.06 -27.89 -22.81
C THR A 70 20.63 -27.56 -22.39
N ILE A 71 20.45 -27.11 -21.16
CA ILE A 71 19.10 -26.91 -20.63
C ILE A 71 18.62 -25.50 -20.90
N LEU A 72 19.51 -24.54 -20.68
CA LEU A 72 19.24 -23.16 -21.04
C LEU A 72 19.91 -22.86 -22.40
N PRO A 73 19.32 -21.96 -23.20
CA PRO A 73 18.21 -21.08 -22.87
C PRO A 73 16.92 -21.78 -23.08
N ARG A 74 15.88 -21.32 -22.42
CA ARG A 74 14.55 -21.83 -22.73
C ARG A 74 13.46 -20.87 -22.34
N ILE A 75 12.33 -21.02 -23.00
CA ILE A 75 11.18 -20.16 -22.80
C ILE A 75 10.07 -20.98 -22.15
N ASN A 76 9.36 -20.36 -21.22
CA ASN A 76 8.18 -20.97 -20.61
C ASN A 76 6.99 -20.03 -20.69
N LEU A 77 5.92 -20.49 -21.33
CA LEU A 77 4.76 -19.65 -21.56
C LEU A 77 3.72 -20.10 -20.57
N HIS A 78 2.86 -19.19 -20.09
CA HIS A 78 1.70 -19.66 -19.32
C HIS A 78 0.56 -18.64 -19.17
N LEU A 79 -0.67 -19.11 -19.07
CA LEU A 79 -1.80 -18.19 -18.89
C LEU A 79 -1.86 -17.79 -17.43
N VAL A 80 -2.17 -16.52 -17.18
CA VAL A 80 -2.08 -15.96 -15.83
C VAL A 80 -3.36 -15.23 -15.44
N ASP A 81 -4.13 -14.80 -16.44
CA ASP A 81 -5.40 -14.15 -16.15
C ASP A 81 -6.29 -14.04 -17.39
N PHE A 82 -7.58 -13.85 -17.17
CA PHE A 82 -8.49 -13.55 -18.27
C PHE A 82 -9.66 -12.74 -17.77
N SER A 83 -10.49 -12.27 -18.70
CA SER A 83 -11.69 -11.50 -18.36
C SER A 83 -12.50 -11.27 -19.59
N TYR A 84 -13.71 -10.74 -19.41
CA TYR A 84 -14.53 -10.35 -20.55
C TYR A 84 -13.98 -9.06 -21.13
N ASN A 85 -13.96 -8.98 -22.44
CA ASN A 85 -13.36 -7.86 -23.14
C ASN A 85 -14.39 -6.82 -23.57
N ALA A 86 -14.74 -5.91 -22.66
CA ALA A 86 -15.63 -4.81 -22.96
C ALA A 86 -15.00 -3.86 -23.98
N PRO A 87 -15.59 -3.78 -25.18
CA PRO A 87 -15.05 -2.88 -26.21
C PRO A 87 -15.46 -1.44 -25.95
N VAL A 105 -28.71 -14.97 -31.95
CA VAL A 105 -28.99 -14.39 -30.64
C VAL A 105 -28.23 -15.11 -29.52
N VAL A 106 -27.89 -16.39 -29.75
CA VAL A 106 -27.21 -17.17 -28.72
C VAL A 106 -25.70 -16.91 -28.73
N SER A 107 -24.93 -17.86 -28.22
CA SER A 107 -23.50 -17.65 -28.01
C SER A 107 -22.61 -18.77 -28.51
N GLN A 108 -22.13 -18.62 -29.75
CA GLN A 108 -20.91 -19.26 -30.30
C GLN A 108 -20.82 -19.06 -31.80
N TYR A 109 -19.83 -18.28 -32.23
CA TYR A 109 -19.72 -17.80 -33.62
C TYR A 109 -21.08 -17.49 -34.27
N ASN A 110 -21.70 -16.36 -33.91
CA ASN A 110 -21.13 -15.26 -33.12
C ASN A 110 -20.68 -15.55 -31.66
N PRO A 111 -19.39 -15.29 -31.37
CA PRO A 111 -18.77 -15.70 -30.12
C PRO A 111 -18.49 -14.50 -29.22
N SER A 112 -17.90 -14.78 -28.07
CA SER A 112 -17.75 -13.80 -27.02
C SER A 112 -16.33 -13.25 -26.99
N PRO A 113 -16.19 -11.91 -26.99
CA PRO A 113 -14.88 -11.27 -26.99
C PRO A 113 -14.20 -11.44 -25.64
N ILE A 114 -13.16 -12.25 -25.60
CA ILE A 114 -12.49 -12.54 -24.34
C ILE A 114 -11.09 -11.92 -24.40
N LYS A 115 -10.50 -11.75 -23.22
CA LYS A 115 -9.15 -11.20 -23.13
C LYS A 115 -8.28 -12.08 -22.22
N MET A 116 -7.26 -12.74 -22.79
CA MET A 116 -6.35 -13.60 -22.02
C MET A 116 -4.97 -12.99 -21.77
N ILE A 117 -4.43 -13.18 -20.57
CA ILE A 117 -3.11 -12.66 -20.25
C ILE A 117 -2.12 -13.80 -20.17
N TYR A 118 -1.00 -13.70 -20.91
CA TYR A 118 0.05 -14.70 -20.91
C TYR A 118 1.38 -14.15 -20.38
N GLU A 119 2.09 -14.96 -19.62
CA GLU A 119 3.42 -14.61 -19.15
C GLU A 119 4.44 -15.50 -19.88
N LEU A 120 5.16 -14.87 -20.81
CA LEU A 120 6.24 -15.49 -21.57
C LEU A 120 7.54 -15.26 -20.79
N SER A 121 8.22 -16.33 -20.43
CA SER A 121 9.36 -16.23 -19.50
C SER A 121 10.64 -16.85 -19.99
N ILE A 122 11.60 -15.99 -20.30
CA ILE A 122 12.87 -16.42 -20.89
C ILE A 122 13.96 -16.60 -19.85
N PHE A 123 14.65 -17.72 -19.93
CA PHE A 123 15.66 -18.08 -18.95
C PHE A 123 16.89 -18.37 -19.73
N THR A 124 18.03 -17.90 -19.22
CA THR A 124 19.23 -17.80 -20.04
C THR A 124 20.47 -17.89 -19.17
N ARG A 125 21.56 -18.47 -19.66
CA ARG A 125 22.82 -18.38 -18.93
C ARG A 125 23.57 -17.06 -19.17
N TYR A 126 23.48 -16.54 -20.39
CA TYR A 126 24.25 -15.38 -20.78
C TYR A 126 23.41 -14.21 -21.25
N GLU A 127 23.74 -13.03 -20.77
CA GLU A 127 23.11 -11.80 -21.27
C GLU A 127 22.97 -11.77 -22.80
N ASP A 128 23.99 -12.30 -23.49
CA ASP A 128 24.05 -12.32 -24.95
C ASP A 128 22.85 -13.06 -25.51
N ASP A 129 22.72 -14.31 -25.12
CA ASP A 129 21.57 -15.13 -25.49
C ASP A 129 20.24 -14.37 -25.29
N MET A 130 20.06 -13.79 -24.09
CA MET A 130 18.87 -13.02 -23.81
C MET A 130 18.64 -11.93 -24.85
N PHE A 131 19.69 -11.16 -25.14
CA PHE A 131 19.62 -10.05 -26.10
C PHE A 131 19.14 -10.52 -27.45
N GLN A 132 19.74 -11.62 -27.91
CA GLN A 132 19.33 -12.21 -29.20
C GLN A 132 17.84 -12.59 -29.21
N ILE A 133 17.45 -13.36 -28.20
CA ILE A 133 16.07 -13.81 -28.08
C ILE A 133 15.09 -12.64 -28.15
N VAL A 134 15.20 -11.72 -27.20
CA VAL A 134 14.25 -10.61 -27.15
C VAL A 134 14.31 -9.78 -28.42
N GLU A 135 15.50 -9.54 -28.95
CA GLU A 135 15.57 -8.73 -30.15
C GLU A 135 14.81 -9.41 -31.29
N GLN A 136 14.62 -10.72 -31.18
CA GLN A 136 13.72 -11.39 -32.12
C GLN A 136 12.24 -11.26 -31.72
N ILE A 137 11.94 -11.06 -30.46
CA ILE A 137 10.53 -10.87 -30.09
C ILE A 137 10.00 -9.42 -30.17
N LEU A 138 10.59 -8.58 -29.34
CA LEU A 138 10.21 -7.19 -29.12
C LEU A 138 9.83 -6.31 -30.30
N PRO A 139 10.61 -6.33 -31.40
CA PRO A 139 10.33 -5.30 -32.40
C PRO A 139 8.98 -5.45 -33.12
N TYR A 140 8.33 -6.60 -32.99
CA TYR A 140 7.04 -6.82 -33.67
C TYR A 140 5.81 -6.29 -32.91
N PHE A 141 6.00 -5.84 -31.68
CA PHE A 141 4.88 -5.40 -30.86
C PHE A 141 4.91 -3.88 -30.65
N GLN A 142 4.09 -3.16 -31.41
CA GLN A 142 4.17 -1.69 -31.38
C GLN A 142 2.87 -0.93 -31.01
N PRO A 143 2.36 -1.12 -29.78
CA PRO A 143 2.79 -2.07 -28.76
C PRO A 143 2.11 -3.40 -29.05
N HIS A 144 1.26 -3.38 -30.06
CA HIS A 144 0.49 -4.56 -30.45
C HIS A 144 1.09 -5.25 -31.66
N PHE A 145 0.46 -6.36 -32.01
CA PHE A 145 0.80 -7.16 -33.15
C PHE A 145 -0.48 -7.85 -33.54
N ASN A 146 -0.90 -7.68 -34.79
CA ASN A 146 -2.13 -8.31 -35.25
C ASN A 146 -1.86 -9.64 -35.91
N THR A 147 -2.79 -10.57 -35.75
CA THR A 147 -2.79 -11.79 -36.53
C THR A 147 -4.22 -12.18 -36.94
N THR A 148 -4.37 -12.64 -38.18
CA THR A 148 -5.66 -13.12 -38.62
C THR A 148 -5.65 -14.64 -38.54
N MET A 149 -6.51 -15.17 -37.70
CA MET A 149 -6.57 -16.60 -37.51
C MET A 149 -7.79 -17.16 -38.22
N TYR A 150 -7.58 -18.16 -39.07
CA TYR A 150 -8.68 -18.84 -39.73
C TYR A 150 -8.94 -20.18 -39.09
N GLU A 151 -10.10 -20.33 -38.50
CA GLU A 151 -10.44 -21.62 -37.92
C GLU A 151 -11.65 -22.24 -38.64
N GLN A 152 -11.44 -23.44 -39.19
CA GLN A 152 -12.46 -24.09 -39.97
C GLN A 152 -12.96 -25.39 -39.34
N PHE A 153 -14.29 -25.50 -39.24
CA PHE A 153 -14.91 -26.68 -38.66
C PHE A 153 -15.28 -27.69 -39.72
N GLY A 154 -14.63 -28.86 -39.68
CA GLY A 154 -14.87 -29.88 -40.67
C GLY A 154 -14.57 -29.33 -42.05
N ASN A 155 -15.61 -28.89 -42.75
CA ASN A 155 -15.44 -28.41 -44.12
C ASN A 155 -16.24 -27.15 -44.47
N ASP A 156 -16.92 -26.58 -43.49
CA ASP A 156 -17.64 -25.33 -43.70
C ASP A 156 -16.67 -24.22 -44.11
N ILE A 157 -17.22 -23.10 -44.58
CA ILE A 157 -16.40 -21.91 -44.79
C ILE A 157 -15.75 -21.54 -43.47
N PRO A 158 -14.42 -21.35 -43.49
CA PRO A 158 -13.70 -21.08 -42.24
C PRO A 158 -14.17 -19.78 -41.62
N PHE A 159 -14.03 -19.68 -40.30
CA PHE A 159 -14.26 -18.44 -39.58
C PHE A 159 -12.98 -17.61 -39.57
N LYS A 160 -13.16 -16.30 -39.76
CA LYS A 160 -12.09 -15.33 -39.68
C LYS A 160 -12.10 -14.64 -38.32
N ARG A 161 -11.01 -14.76 -37.58
CA ARG A 161 -10.93 -14.21 -36.23
C ARG A 161 -9.76 -13.24 -36.14
N ASP A 162 -10.06 -11.99 -35.80
CA ASP A 162 -9.03 -10.96 -35.72
C ASP A 162 -8.45 -10.89 -34.33
N ILE A 163 -7.14 -11.11 -34.23
CA ILE A 163 -6.50 -11.29 -32.95
C ILE A 163 -5.46 -10.22 -32.72
N LYS A 164 -5.70 -9.37 -31.73
CA LYS A 164 -4.71 -8.38 -31.34
C LYS A 164 -3.94 -8.90 -30.14
N ILE A 165 -2.61 -9.00 -30.29
CA ILE A 165 -1.77 -9.39 -29.16
C ILE A 165 -0.94 -8.18 -28.72
N VAL A 166 -1.09 -7.77 -27.47
CA VAL A 166 -0.41 -6.57 -27.00
C VAL A 166 0.66 -6.88 -25.94
N LEU A 167 1.87 -6.39 -26.17
CA LEU A 167 2.93 -6.49 -25.17
C LEU A 167 2.71 -5.47 -24.06
N MET A 168 2.37 -5.96 -22.88
CA MET A 168 1.94 -5.12 -21.79
C MET A 168 3.11 -4.59 -20.94
N SER A 169 4.02 -5.47 -20.59
CA SER A 169 5.08 -5.10 -19.66
C SER A 169 6.25 -6.03 -19.81
N ALA A 170 7.39 -5.64 -19.25
CA ALA A 170 8.53 -6.54 -19.15
C ALA A 170 8.98 -6.53 -17.72
N ALA A 171 9.62 -7.61 -17.28
CA ALA A 171 10.09 -7.71 -15.91
C ALA A 171 11.45 -8.39 -15.90
N ILE A 172 12.44 -7.75 -15.28
CA ILE A 172 13.80 -8.30 -15.34
C ILE A 172 14.34 -8.77 -13.99
N ASP A 173 14.92 -9.96 -13.94
CA ASP A 173 15.39 -10.52 -12.66
C ASP A 173 16.57 -11.47 -12.82
N GLU A 174 17.36 -11.64 -11.76
CA GLU A 174 18.48 -12.58 -11.76
C GLU A 174 18.35 -13.70 -10.73
N ALA A 175 19.28 -14.64 -10.79
CA ALA A 175 19.37 -15.72 -9.81
C ALA A 175 20.82 -16.22 -9.78
N ILE A 176 21.36 -16.46 -8.59
CA ILE A 176 22.78 -16.72 -8.46
C ILE A 176 23.15 -17.93 -7.58
N ASP A 177 24.24 -18.60 -7.96
CA ASP A 177 24.95 -19.54 -7.10
C ASP A 177 26.41 -19.69 -7.59
N GLY A 178 27.30 -18.84 -7.08
CA GLY A 178 28.69 -18.82 -7.48
C GLY A 178 29.14 -17.45 -7.95
N ARG A 183 26.99 -18.82 -11.73
CA ARG A 183 26.98 -17.54 -12.45
C ARG A 183 25.79 -16.58 -12.14
N ARG A 184 24.53 -16.99 -12.25
CA ARG A 184 24.08 -18.33 -12.66
C ARG A 184 22.97 -18.32 -13.72
N ARG A 185 21.88 -17.60 -13.47
CA ARG A 185 20.70 -17.67 -14.35
C ARG A 185 19.88 -16.38 -14.49
N ILE A 186 19.66 -15.95 -15.73
CA ILE A 186 18.98 -14.70 -16.05
C ILE A 186 17.54 -14.95 -16.49
N GLU A 187 16.60 -14.20 -15.91
CA GLU A 187 15.20 -14.36 -16.27
C GLU A 187 14.55 -13.04 -16.68
N TRP A 188 14.02 -13.01 -17.90
CA TRP A 188 13.19 -11.88 -18.33
C TRP A 188 11.77 -12.36 -18.61
N SER A 189 10.75 -11.65 -18.12
CA SER A 189 9.38 -12.05 -18.41
C SER A 189 8.59 -10.97 -19.13
N LEU A 190 8.12 -11.30 -20.35
CA LEU A 190 7.17 -10.46 -21.07
C LEU A 190 5.73 -10.80 -20.72
N THR A 191 4.90 -9.79 -20.48
CA THR A 191 3.48 -10.04 -20.29
C THR A 191 2.65 -9.60 -21.48
N PHE A 192 1.90 -10.53 -22.06
CA PHE A 192 1.12 -10.21 -23.26
C PHE A 192 -0.38 -10.32 -23.04
N GLU A 193 -1.11 -9.37 -23.62
CA GLU A 193 -2.55 -9.44 -23.66
C GLU A 193 -3.04 -9.93 -25.03
N VAL A 194 -3.67 -11.09 -25.04
CA VAL A 194 -4.28 -11.63 -26.25
C VAL A 194 -5.75 -11.26 -26.24
N ASN A 195 -6.19 -10.53 -27.26
CA ASN A 195 -7.60 -10.19 -27.42
C ASN A 195 -8.27 -11.16 -28.37
N GLY A 196 -8.94 -12.16 -27.81
CA GLY A 196 -9.41 -13.27 -28.60
C GLY A 196 -10.90 -13.53 -28.52
N TRP A 197 -11.28 -14.76 -28.86
CA TRP A 197 -12.69 -15.14 -28.90
C TRP A 197 -12.95 -16.47 -28.22
N MET A 198 -14.03 -16.50 -27.46
CA MET A 198 -14.41 -17.67 -26.69
C MET A 198 -15.82 -18.14 -27.09
N TYR A 199 -16.08 -19.44 -26.96
CA TYR A 199 -17.40 -20.03 -27.24
C TYR A 199 -17.47 -21.46 -26.67
N PRO A 200 -18.68 -21.91 -26.27
CA PRO A 200 -18.85 -23.18 -25.58
C PRO A 200 -18.33 -24.36 -26.39
N PRO A 201 -17.78 -25.40 -25.70
CA PRO A 201 -17.14 -26.59 -26.26
C PRO A 201 -17.85 -27.15 -27.45
N VAL A 202 -17.12 -27.29 -28.56
CA VAL A 202 -17.59 -27.97 -29.76
C VAL A 202 -16.91 -29.33 -29.80
N ASP A 203 -17.66 -30.38 -29.57
CA ASP A 203 -17.07 -31.70 -29.35
C ASP A 203 -16.08 -32.18 -30.42
N ASP A 204 -15.02 -32.83 -29.97
CA ASP A 204 -14.03 -33.38 -30.89
C ASP A 204 -14.72 -34.33 -31.84
N ALA A 205 -15.67 -35.10 -31.31
CA ALA A 205 -16.42 -36.08 -32.09
C ALA A 205 -17.17 -35.43 -33.26
N GLU A 206 -17.56 -34.17 -33.10
CA GLU A 206 -18.31 -33.46 -34.12
C GLU A 206 -17.39 -32.82 -35.17
N GLY A 207 -16.12 -33.26 -35.19
CA GLY A 207 -15.17 -32.77 -36.17
C GLY A 207 -14.06 -31.89 -35.60
N LEU A 208 -12.81 -32.20 -35.94
CA LEU A 208 -11.66 -31.42 -35.48
C LEU A 208 -11.53 -30.08 -36.20
N ILE A 209 -10.99 -29.10 -35.49
CA ILE A 209 -10.96 -27.75 -36.00
C ILE A 209 -9.60 -27.41 -36.59
N ARG A 210 -9.59 -27.13 -37.89
CA ARG A 210 -8.38 -26.78 -38.62
C ARG A 210 -8.04 -25.32 -38.36
N THR A 211 -6.80 -25.01 -38.00
CA THR A 211 -6.44 -23.64 -37.67
C THR A 211 -5.20 -23.13 -38.39
N THR A 212 -5.31 -21.95 -38.99
CA THR A 212 -4.18 -21.25 -39.61
C THR A 212 -4.07 -19.85 -39.01
N TYR A 213 -2.93 -19.20 -39.22
CA TYR A 213 -2.73 -17.85 -38.72
C TYR A 213 -1.56 -17.16 -39.43
N THR A 214 -1.55 -15.83 -39.36
CA THR A 214 -0.45 -15.07 -39.92
C THR A 214 0.65 -14.95 -38.85
N ASP A 215 1.87 -15.32 -39.20
CA ASP A 215 2.96 -15.21 -38.23
C ASP A 215 3.49 -13.79 -38.20
N PHE A 216 4.70 -13.61 -37.64
CA PHE A 216 5.25 -12.27 -37.41
C PHE A 216 5.58 -11.53 -38.70
N HIS A 217 5.71 -12.27 -39.80
CA HIS A 217 5.94 -11.67 -41.09
C HIS A 217 4.71 -11.85 -41.98
N ALA A 218 3.53 -11.82 -41.36
CA ALA A 218 2.28 -12.01 -42.10
C ALA A 218 2.26 -13.24 -43.03
N ASN A 219 2.98 -14.29 -42.65
CA ASN A 219 2.99 -15.54 -43.41
C ASN A 219 1.99 -16.53 -42.84
N THR A 220 1.08 -17.00 -43.68
CA THR A 220 0.05 -17.91 -43.20
C THR A 220 0.62 -19.29 -42.91
N ARG A 221 0.98 -19.54 -41.65
CA ARG A 221 1.35 -20.87 -41.21
C ARG A 221 0.10 -21.55 -40.69
N ASP A 222 0.11 -22.87 -40.59
CA ASP A 222 -1.02 -23.56 -39.97
C ASP A 222 -0.65 -24.04 -38.57
N LEU A 223 -1.51 -23.69 -37.62
CA LEU A 223 -1.32 -23.99 -36.21
C LEU A 223 -1.19 -25.49 -35.98
N PRO A 224 -0.04 -25.91 -35.46
CA PRO A 224 0.30 -27.33 -35.25
C PRO A 224 -0.47 -27.87 -34.07
N ASP A 225 -0.46 -29.18 -33.87
CA ASP A 225 -0.98 -29.75 -32.65
C ASP A 225 -0.17 -29.24 -31.47
N GLY A 226 -0.73 -29.37 -30.28
CA GLY A 226 -0.04 -28.90 -29.09
C GLY A 226 1.29 -29.61 -28.91
N GLU A 227 1.29 -30.92 -29.17
CA GLU A 227 2.46 -31.76 -28.92
C GLU A 227 3.60 -31.35 -29.85
N GLY A 228 3.24 -30.70 -30.96
CA GLY A 228 4.21 -30.23 -31.92
C GLY A 228 4.97 -29.03 -31.43
N VAL A 229 4.28 -28.13 -30.73
CA VAL A 229 4.85 -26.86 -30.28
C VAL A 229 5.64 -26.92 -28.97
N PHE A 230 5.02 -27.40 -27.91
CA PHE A 230 5.65 -27.38 -26.60
C PHE A 230 6.41 -28.64 -26.26
N GLU A 231 7.62 -28.48 -25.75
CA GLU A 231 8.34 -29.60 -25.17
C GLU A 231 7.58 -30.00 -23.92
N SER A 232 7.62 -31.28 -23.57
CA SER A 232 6.92 -31.74 -22.38
C SER A 232 7.76 -31.39 -21.17
N VAL A 233 7.16 -30.66 -20.25
CA VAL A 233 7.83 -30.33 -18.99
C VAL A 233 7.85 -31.58 -18.10
N ASP A 234 7.05 -32.57 -18.47
CA ASP A 234 7.00 -33.84 -17.74
C ASP A 234 7.94 -34.87 -18.33
N GLY B 3 32.42 -13.65 -30.39
CA GLY B 3 31.85 -14.51 -29.37
C GLY B 3 30.63 -13.89 -28.73
N TYR B 4 29.88 -13.15 -29.54
CA TYR B 4 28.66 -12.47 -29.09
C TYR B 4 28.00 -11.74 -30.26
N PHE B 5 26.70 -11.53 -30.18
CA PHE B 5 25.99 -10.81 -31.23
C PHE B 5 26.44 -9.35 -31.21
N TYR B 6 27.44 -9.03 -32.03
CA TYR B 6 28.01 -7.69 -32.11
C TYR B 6 26.98 -6.65 -32.51
N ASN B 7 26.11 -6.99 -33.44
CA ASN B 7 25.12 -6.03 -33.91
C ASN B 7 23.87 -5.91 -33.03
N SER B 8 23.92 -6.49 -31.84
CA SER B 8 22.84 -6.39 -30.89
C SER B 8 22.49 -4.94 -30.60
N SER B 9 21.24 -4.56 -30.84
CA SER B 9 20.72 -3.23 -30.48
C SER B 9 20.93 -2.94 -28.98
N PHE B 10 20.45 -3.86 -28.15
CA PHE B 10 20.64 -3.75 -26.71
C PHE B 10 22.09 -3.50 -26.36
N ARG B 11 22.98 -4.36 -26.82
CA ARG B 11 24.40 -4.19 -26.59
C ARG B 11 24.87 -2.79 -26.97
N ARG B 12 24.42 -2.29 -28.13
CA ARG B 12 24.83 -0.97 -28.60
C ARG B 12 24.45 0.08 -27.61
N TYR B 13 23.25 -0.04 -27.02
CA TYR B 13 22.85 0.91 -25.98
C TYR B 13 23.62 0.76 -24.68
N ALA B 14 23.87 -0.47 -24.23
CA ALA B 14 24.65 -0.65 -23.01
C ALA B 14 26.01 -0.04 -23.18
N THR B 15 26.57 -0.19 -24.37
CA THR B 15 27.88 0.37 -24.64
C THR B 15 27.82 1.90 -24.73
N LEU B 16 26.82 2.45 -25.44
CA LEU B 16 26.66 3.90 -25.53
C LEU B 16 26.62 4.53 -24.14
N MET B 17 25.75 4.00 -23.29
CA MET B 17 25.63 4.53 -21.93
C MET B 17 26.92 4.31 -21.16
N GLY B 18 27.50 3.12 -21.28
CA GLY B 18 28.75 2.86 -20.58
C GLY B 18 29.81 3.88 -20.94
N ASP B 19 29.83 4.25 -22.21
CA ASP B 19 30.90 5.07 -22.77
C ASP B 19 30.70 6.54 -22.46
N LEU B 20 29.45 6.98 -22.30
CA LEU B 20 29.21 8.35 -21.82
C LEU B 20 29.86 8.53 -20.46
N PHE B 21 29.74 7.50 -19.64
CA PHE B 21 30.26 7.51 -18.28
C PHE B 21 31.59 6.77 -18.15
N SER B 22 32.26 6.53 -19.28
CA SER B 22 33.47 5.70 -19.27
C SER B 22 34.70 6.46 -18.80
N ASN B 23 34.70 7.76 -19.08
CA ASN B 23 35.88 8.58 -18.90
C ASN B 23 35.67 9.64 -17.83
N ILE B 24 35.36 9.21 -16.60
CA ILE B 24 35.18 10.12 -15.46
C ILE B 24 36.33 9.95 -14.49
N GLN B 25 36.95 11.05 -14.07
CA GLN B 25 38.06 10.91 -13.14
C GLN B 25 37.83 11.67 -11.88
N ILE B 26 38.63 11.37 -10.86
CA ILE B 26 38.62 12.09 -9.60
C ILE B 26 40.04 12.50 -9.20
N LYS B 27 40.17 13.72 -8.73
CA LYS B 27 41.45 14.25 -8.25
C LYS B 27 41.72 13.66 -6.87
N ARG B 28 42.99 13.60 -6.49
CA ARG B 28 43.38 12.94 -5.27
C ARG B 28 44.74 13.51 -4.84
N GLN B 29 44.70 14.66 -4.14
CA GLN B 29 45.91 15.39 -3.75
C GLN B 29 46.97 14.55 -3.04
N LEU B 30 48.20 14.61 -3.54
CA LEU B 30 49.33 13.94 -2.90
C LEU B 30 50.36 14.93 -2.38
N GLU B 31 51.34 14.41 -1.67
CA GLU B 31 52.50 15.19 -1.27
C GLU B 31 53.25 15.54 -2.54
N SER B 32 53.53 14.52 -3.34
CA SER B 32 54.19 14.71 -4.63
C SER B 32 53.32 15.57 -5.53
N GLY B 33 52.03 15.27 -5.59
CA GLY B 33 51.09 16.07 -6.36
C GLY B 33 49.79 15.38 -6.76
N ASP B 34 48.82 16.19 -7.16
CA ASP B 34 47.50 15.73 -7.60
C ASP B 34 47.52 14.54 -8.55
N LYS B 35 47.11 13.37 -8.05
CA LYS B 35 46.94 12.19 -8.89
C LYS B 35 45.50 12.11 -9.35
N PHE B 36 45.26 11.89 -10.64
CA PHE B 36 43.88 11.73 -11.14
C PHE B 36 43.60 10.27 -11.47
N ILE B 37 42.52 9.72 -10.94
CA ILE B 37 42.20 8.32 -11.30
C ILE B 37 40.88 8.17 -12.03
N ARG B 38 40.89 7.35 -13.08
CA ARG B 38 39.69 7.08 -13.88
C ARG B 38 38.85 6.07 -13.12
N VAL B 39 37.56 6.38 -12.97
CA VAL B 39 36.62 5.46 -12.38
C VAL B 39 36.26 4.36 -13.37
N PRO B 40 36.66 3.10 -13.08
CA PRO B 40 36.33 1.92 -13.88
C PRO B 40 34.85 1.64 -13.85
N ILE B 41 34.32 1.13 -14.95
CA ILE B 41 32.88 0.94 -15.07
C ILE B 41 32.55 -0.49 -15.53
N THR B 42 31.55 -1.10 -14.91
CA THR B 42 31.21 -2.50 -15.21
C THR B 42 29.76 -2.60 -15.64
N TYR B 43 29.40 -3.67 -16.36
CA TYR B 43 28.02 -3.92 -16.71
C TYR B 43 27.61 -5.27 -16.18
N ALA B 44 26.74 -5.27 -15.17
CA ALA B 44 26.39 -6.48 -14.48
C ALA B 44 25.19 -6.16 -13.62
N SER B 45 24.41 -7.20 -13.31
CA SER B 45 23.27 -7.05 -12.42
C SER B 45 23.82 -6.50 -11.13
N LYS B 46 23.05 -5.64 -10.47
CA LYS B 46 23.56 -4.95 -9.29
C LYS B 46 23.90 -5.93 -8.18
N GLU B 47 23.03 -6.92 -7.98
CA GLU B 47 23.26 -7.93 -6.96
C GLU B 47 24.58 -8.66 -7.18
N HIS B 48 24.80 -9.10 -8.42
CA HIS B 48 26.02 -9.80 -8.80
C HIS B 48 27.24 -8.94 -8.51
N PHE B 49 27.15 -7.68 -8.91
CA PHE B 49 28.24 -6.73 -8.70
C PHE B 49 28.55 -6.55 -7.22
N MET B 50 27.53 -6.42 -6.39
CA MET B 50 27.76 -6.26 -4.96
C MET B 50 28.35 -7.52 -4.31
N MET B 51 27.88 -8.68 -4.73
CA MET B 51 28.48 -9.94 -4.33
C MET B 51 29.96 -9.87 -4.57
N LYS B 52 30.33 -9.75 -5.85
CA LYS B 52 31.74 -9.75 -6.25
C LYS B 52 32.53 -8.63 -5.55
N LEU B 53 31.87 -7.52 -5.28
CA LEU B 53 32.50 -6.39 -4.62
C LEU B 53 32.84 -6.74 -3.18
N ASN B 54 31.94 -7.45 -2.50
CA ASN B 54 32.20 -7.91 -1.14
C ASN B 54 33.28 -8.99 -1.13
N LYS B 55 33.34 -9.78 -2.19
CA LYS B 55 34.43 -10.73 -2.35
C LYS B 55 35.77 -9.99 -2.42
N TRP B 56 35.87 -9.04 -3.37
CA TRP B 56 37.07 -8.24 -3.59
C TRP B 56 37.45 -7.43 -2.34
N THR B 57 36.43 -7.06 -1.55
CA THR B 57 36.57 -6.17 -0.39
C THR B 57 37.20 -6.87 0.82
N SER B 58 37.02 -8.18 0.92
CA SER B 58 37.50 -8.94 2.08
C SER B 58 39.02 -8.93 2.22
N VAL B 68 42.34 -2.29 0.60
CA VAL B 68 42.05 -2.34 -0.83
C VAL B 68 41.22 -1.17 -1.30
N GLU B 69 41.89 -0.04 -1.30
CA GLU B 69 41.36 1.22 -1.76
C GLU B 69 41.62 1.41 -3.24
N THR B 70 42.08 0.35 -3.88
CA THR B 70 42.29 0.38 -5.31
C THR B 70 41.03 -0.08 -6.02
N ILE B 71 40.07 -0.57 -5.24
CA ILE B 71 38.86 -1.14 -5.80
C ILE B 71 37.77 -0.10 -5.97
N LEU B 72 37.60 0.75 -4.98
CA LEU B 72 36.72 1.89 -5.08
C LEU B 72 37.54 3.14 -5.40
N PRO B 73 36.97 4.09 -6.13
CA PRO B 73 35.56 4.19 -6.51
C PRO B 73 35.31 3.40 -7.75
N ARG B 74 34.07 2.99 -7.95
CA ARG B 74 33.71 2.41 -9.24
C ARG B 74 32.23 2.52 -9.54
N ILE B 75 31.93 2.47 -10.83
CA ILE B 75 30.57 2.62 -11.32
C ILE B 75 30.13 1.29 -11.89
N ASN B 76 28.88 0.92 -11.64
CA ASN B 76 28.30 -0.26 -12.24
C ASN B 76 26.99 0.12 -12.94
N LEU B 77 26.89 -0.18 -14.22
CA LEU B 77 25.73 0.20 -15.00
C LEU B 77 24.93 -1.04 -15.23
N HIS B 78 23.60 -0.94 -15.31
CA HIS B 78 22.83 -2.13 -15.76
C HIS B 78 21.40 -1.85 -16.25
N LEU B 79 20.91 -2.62 -17.21
CA LEU B 79 19.53 -2.43 -17.67
C LEU B 79 18.58 -3.03 -16.66
N VAL B 80 17.46 -2.35 -16.40
CA VAL B 80 16.56 -2.74 -15.33
C VAL B 80 15.13 -2.83 -15.83
N ASP B 81 14.84 -2.13 -16.93
CA ASP B 81 13.52 -2.23 -17.53
C ASP B 81 13.47 -1.71 -18.96
N PHE B 82 12.45 -2.12 -19.70
CA PHE B 82 12.16 -1.52 -21.00
C PHE B 82 10.68 -1.63 -21.33
N SER B 83 10.26 -0.99 -22.42
CA SER B 83 8.87 -1.00 -22.85
C SER B 83 8.77 -0.34 -24.21
N TYR B 84 7.61 -0.45 -24.83
CA TYR B 84 7.35 0.27 -26.07
C TYR B 84 7.12 1.74 -25.75
N ASN B 85 7.69 2.61 -26.57
CA ASN B 85 7.65 4.03 -26.31
C ASN B 85 6.52 4.71 -27.07
N ALA B 86 5.32 4.67 -26.48
CA ALA B 86 4.16 5.34 -27.04
C ALA B 86 4.36 6.87 -27.08
N PRO B 87 4.50 7.43 -28.28
CA PRO B 87 4.65 8.89 -28.36
C PRO B 87 3.30 9.58 -28.11
N VAL B 105 6.73 -0.84 -44.77
CA VAL B 105 5.55 -1.25 -44.01
C VAL B 105 5.95 -2.17 -42.85
N VAL B 106 7.06 -2.88 -43.02
CA VAL B 106 7.52 -3.88 -42.04
C VAL B 106 8.30 -3.20 -40.90
N SER B 107 9.12 -3.96 -40.19
CA SER B 107 9.81 -3.43 -39.02
C SER B 107 11.33 -3.65 -39.02
N GLN B 108 12.05 -2.58 -39.36
CA GLN B 108 13.47 -2.31 -39.05
C GLN B 108 14.07 -1.22 -39.95
N TYR B 109 14.40 -0.09 -39.33
CA TYR B 109 14.76 1.16 -40.02
C TYR B 109 14.02 1.40 -41.34
N ASN B 110 12.75 1.82 -41.31
CA ASN B 110 11.99 2.28 -40.12
C ASN B 110 11.85 1.32 -38.91
N PRO B 111 12.39 1.75 -37.76
CA PRO B 111 12.49 0.87 -36.60
C PRO B 111 11.48 1.26 -35.56
N SER B 112 11.51 0.57 -34.43
CA SER B 112 10.50 0.69 -33.40
C SER B 112 10.99 1.52 -32.22
N PRO B 113 10.21 2.54 -31.81
CA PRO B 113 10.63 3.42 -30.72
C PRO B 113 10.56 2.71 -29.39
N ILE B 114 11.72 2.41 -28.82
CA ILE B 114 11.76 1.66 -27.58
C ILE B 114 12.27 2.56 -26.47
N LYS B 115 12.02 2.16 -25.23
CA LYS B 115 12.45 2.93 -24.08
C LYS B 115 13.11 2.02 -23.05
N MET B 116 14.41 2.22 -22.83
CA MET B 116 15.17 1.40 -21.88
C MET B 116 15.53 2.12 -20.58
N ILE B 117 15.42 1.43 -19.46
CA ILE B 117 15.78 2.02 -18.19
C ILE B 117 17.10 1.45 -17.70
N TYR B 118 18.02 2.32 -17.32
CA TYR B 118 19.33 1.91 -16.81
C TYR B 118 19.55 2.40 -15.39
N GLU B 119 20.17 1.57 -14.57
CA GLU B 119 20.55 1.97 -13.23
C GLU B 119 22.07 2.11 -13.17
N LEU B 120 22.53 3.36 -13.09
CA LEU B 120 23.94 3.72 -12.94
C LEU B 120 24.28 3.79 -11.45
N SER B 121 25.26 3.03 -11.00
CA SER B 121 25.44 2.86 -9.55
C SER B 121 26.86 3.11 -9.10
N ILE B 122 27.05 4.22 -8.40
CA ILE B 122 28.37 4.67 -7.98
C ILE B 122 28.68 4.25 -6.56
N PHE B 123 29.85 3.67 -6.39
CA PHE B 123 30.29 3.17 -5.10
C PHE B 123 31.59 3.81 -4.77
N THR B 124 31.76 4.20 -3.51
CA THR B 124 32.77 5.17 -3.15
C THR B 124 33.20 4.98 -1.70
N ARG B 125 34.48 5.19 -1.39
CA ARG B 125 34.88 5.18 0.01
C ARG B 125 34.61 6.53 0.71
N TYR B 126 34.78 7.63 -0.01
CA TYR B 126 34.65 8.95 0.56
C TYR B 126 33.59 9.83 -0.09
N GLU B 127 32.81 10.50 0.74
CA GLU B 127 31.87 11.51 0.25
C GLU B 127 32.49 12.43 -0.84
N ASP B 128 33.74 12.82 -0.65
CA ASP B 128 34.43 13.69 -1.58
C ASP B 128 34.39 13.10 -2.99
N ASP B 129 34.95 11.89 -3.13
CA ASP B 129 34.96 11.17 -4.41
C ASP B 129 33.58 11.21 -5.05
N MET B 130 32.55 10.83 -4.27
CA MET B 130 31.19 10.84 -4.76
C MET B 130 30.78 12.18 -5.34
N PHE B 131 31.06 13.25 -4.59
CA PHE B 131 30.75 14.61 -5.02
C PHE B 131 31.38 14.94 -6.35
N GLN B 132 32.66 14.59 -6.50
CA GLN B 132 33.37 14.84 -7.74
C GLN B 132 32.70 14.12 -8.92
N ILE B 133 32.51 12.81 -8.74
CA ILE B 133 31.90 11.98 -9.76
C ILE B 133 30.55 12.57 -10.23
N VAL B 134 29.61 12.73 -9.31
CA VAL B 134 28.29 13.19 -9.71
C VAL B 134 28.36 14.56 -10.32
N GLU B 135 29.20 15.42 -9.76
CA GLU B 135 29.26 16.78 -10.28
C GLU B 135 29.71 16.76 -11.73
N GLN B 136 30.43 15.70 -12.11
CA GLN B 136 30.72 15.48 -13.52
C GLN B 136 29.54 14.88 -14.30
N ILE B 137 28.65 14.13 -13.64
CA ILE B 137 27.49 13.60 -14.38
C ILE B 137 26.26 14.55 -14.46
N LEU B 138 25.72 14.86 -13.29
CA LEU B 138 24.47 15.60 -13.08
C LEU B 138 24.18 16.86 -13.90
N PRO B 139 25.20 17.72 -14.11
CA PRO B 139 24.80 19.00 -14.71
C PRO B 139 24.38 18.92 -16.17
N TYR B 140 24.66 17.81 -16.85
CA TYR B 140 24.31 17.66 -18.26
C TYR B 140 22.88 17.18 -18.53
N PHE B 141 22.16 16.79 -17.49
CA PHE B 141 20.81 16.28 -17.64
C PHE B 141 19.76 17.28 -17.11
N GLN B 142 19.10 18.00 -18.01
CA GLN B 142 18.21 19.07 -17.60
C GLN B 142 16.76 19.00 -18.13
N PRO B 143 15.99 17.95 -17.75
CA PRO B 143 16.42 16.76 -16.99
C PRO B 143 16.97 15.76 -17.99
N HIS B 144 16.90 16.13 -19.26
CA HIS B 144 17.36 15.27 -20.33
C HIS B 144 18.72 15.69 -20.87
N PHE B 145 19.21 14.88 -21.79
CA PHE B 145 20.46 15.11 -22.49
C PHE B 145 20.27 14.45 -23.84
N ASN B 146 20.44 15.20 -24.92
CA ASN B 146 20.31 14.63 -26.25
C ASN B 146 21.64 14.16 -26.82
N THR B 147 21.61 13.09 -27.60
CA THR B 147 22.76 12.68 -28.38
C THR B 147 22.31 12.19 -29.76
N THR B 148 23.06 12.56 -30.78
CA THR B 148 22.77 12.09 -32.11
C THR B 148 23.71 10.93 -32.43
N MET B 149 23.14 9.75 -32.61
CA MET B 149 23.94 8.57 -32.86
C MET B 149 23.87 8.23 -34.33
N TYR B 150 25.02 8.08 -34.98
CA TYR B 150 25.06 7.65 -36.38
C TYR B 150 25.48 6.20 -36.45
N GLU B 151 24.59 5.36 -36.95
CA GLU B 151 24.96 3.95 -37.12
C GLU B 151 24.93 3.56 -38.59
N GLN B 152 26.08 3.10 -39.08
CA GLN B 152 26.23 2.78 -40.48
C GLN B 152 26.46 1.29 -40.74
N PHE B 153 25.70 0.73 -41.68
CA PHE B 153 25.79 -0.67 -41.99
C PHE B 153 26.71 -0.88 -43.20
N GLY B 154 27.83 -1.54 -42.97
CA GLY B 154 28.79 -1.75 -44.04
C GLY B 154 29.24 -0.43 -44.60
N ASN B 155 28.63 -0.01 -45.70
CA ASN B 155 29.04 1.22 -46.35
C ASN B 155 27.90 2.09 -46.87
N ASP B 156 26.66 1.72 -46.56
CA ASP B 156 25.51 2.53 -46.93
C ASP B 156 25.58 3.89 -46.25
N ILE B 157 24.73 4.82 -46.67
CA ILE B 157 24.56 6.07 -45.96
C ILE B 157 24.13 5.72 -44.54
N PRO B 158 24.83 6.29 -43.55
CA PRO B 158 24.55 5.95 -42.16
C PRO B 158 23.14 6.38 -41.76
N PHE B 159 22.57 5.70 -40.78
CA PHE B 159 21.31 6.10 -40.19
C PHE B 159 21.55 7.09 -39.07
N LYS B 160 20.67 8.09 -39.01
CA LYS B 160 20.68 9.10 -37.95
C LYS B 160 19.63 8.75 -36.92
N ARG B 161 20.05 8.55 -35.68
CA ARG B 161 19.13 8.17 -34.61
C ARG B 161 19.18 9.18 -33.47
N ASP B 162 18.05 9.80 -33.16
CA ASP B 162 17.99 10.83 -32.14
C ASP B 162 17.67 10.21 -30.79
N ILE B 163 18.58 10.39 -29.83
CA ILE B 163 18.51 9.67 -28.58
C ILE B 163 18.35 10.63 -27.42
N LYS B 164 17.21 10.56 -26.75
CA LYS B 164 16.99 11.37 -25.56
C LYS B 164 17.28 10.51 -24.35
N ILE B 165 18.21 10.94 -23.50
CA ILE B 165 18.49 10.24 -22.27
C ILE B 165 18.05 11.11 -21.11
N VAL B 166 17.10 10.62 -20.31
CA VAL B 166 16.55 11.40 -19.21
C VAL B 166 16.91 10.87 -17.83
N LEU B 167 17.44 11.74 -16.97
CA LEU B 167 17.75 11.40 -15.58
C LEU B 167 16.45 11.40 -14.80
N MET B 168 16.02 10.20 -14.38
CA MET B 168 14.72 10.02 -13.78
C MET B 168 14.71 10.23 -12.28
N SER B 169 15.68 9.64 -11.58
CA SER B 169 15.68 9.69 -10.14
C SER B 169 17.07 9.48 -9.60
N ALA B 170 17.27 9.78 -8.32
CA ALA B 170 18.52 9.44 -7.64
C ALA B 170 18.15 8.70 -6.38
N ALA B 171 19.05 7.86 -5.89
CA ALA B 171 18.79 7.08 -4.69
C ALA B 171 20.06 7.04 -3.85
N ILE B 172 19.98 7.44 -2.60
CA ILE B 172 21.19 7.50 -1.78
C ILE B 172 21.21 6.49 -0.62
N ASP B 173 22.32 5.79 -0.43
CA ASP B 173 22.39 4.76 0.60
C ASP B 173 23.82 4.56 1.14
N GLU B 174 23.93 4.04 2.36
CA GLU B 174 25.24 3.70 2.94
C GLU B 174 25.42 2.20 3.24
N ALA B 175 26.62 1.84 3.69
CA ALA B 175 26.92 0.49 4.12
C ALA B 175 28.13 0.56 5.05
N ILE B 176 28.09 -0.16 6.16
CA ILE B 176 29.10 0.02 7.20
C ILE B 176 29.71 -1.28 7.74
N ASP B 177 30.98 -1.20 8.13
CA ASP B 177 31.64 -2.18 8.98
C ASP B 177 32.84 -1.53 9.68
N GLY B 178 32.60 -0.95 10.86
CA GLY B 178 33.64 -0.25 11.61
C GLY B 178 33.24 1.17 11.96
N ARG B 183 34.51 1.81 7.60
CA ARG B 183 34.00 3.17 7.43
C ARG B 183 32.51 3.32 7.02
N ARG B 184 32.03 2.68 5.93
CA ARG B 184 32.81 1.82 5.03
C ARG B 184 32.59 2.13 3.55
N ARG B 185 31.33 2.15 3.10
CA ARG B 185 31.06 2.26 1.68
C ARG B 185 29.78 3.04 1.29
N ILE B 186 29.93 4.03 0.41
CA ILE B 186 28.83 4.91 0.00
C ILE B 186 28.30 4.54 -1.36
N GLU B 187 26.97 4.41 -1.48
CA GLU B 187 26.37 4.09 -2.78
C GLU B 187 25.31 5.10 -3.20
N TRP B 188 25.50 5.68 -4.38
CA TRP B 188 24.43 6.49 -5.00
C TRP B 188 24.01 5.86 -6.32
N SER B 189 22.71 5.80 -6.58
CA SER B 189 22.26 5.26 -7.86
C SER B 189 21.39 6.24 -8.64
N LEU B 190 21.85 6.62 -9.83
CA LEU B 190 21.05 7.38 -10.78
C LEU B 190 20.23 6.45 -11.66
N THR B 191 18.98 6.78 -11.89
CA THR B 191 18.20 6.01 -12.84
C THR B 191 17.95 6.82 -14.12
N PHE B 192 18.31 6.25 -15.26
CA PHE B 192 18.18 6.95 -16.54
C PHE B 192 17.21 6.27 -17.51
N GLU B 193 16.41 7.09 -18.18
CA GLU B 193 15.59 6.60 -19.27
C GLU B 193 16.23 6.94 -20.61
N VAL B 194 16.62 5.90 -21.34
CA VAL B 194 17.12 6.06 -22.71
C VAL B 194 15.98 5.83 -23.70
N ASN B 195 15.69 6.84 -24.51
CA ASN B 195 14.64 6.74 -25.50
C ASN B 195 15.25 6.42 -26.82
N GLY B 196 15.28 5.15 -27.17
CA GLY B 196 16.05 4.69 -28.33
C GLY B 196 15.25 3.97 -29.39
N TRP B 197 15.96 3.18 -30.19
CA TRP B 197 15.33 2.48 -31.29
C TRP B 197 15.73 1.02 -31.33
N MET B 198 14.75 0.18 -31.65
CA MET B 198 14.94 -1.25 -31.71
C MET B 198 14.56 -1.78 -33.10
N TYR B 199 15.16 -2.90 -33.50
CA TYR B 199 14.83 -3.58 -34.74
C TYR B 199 15.43 -5.00 -34.76
N PRO B 200 14.81 -5.93 -35.49
CA PRO B 200 15.23 -7.32 -35.46
C PRO B 200 16.69 -7.53 -35.89
N PRO B 201 17.37 -8.51 -35.27
CA PRO B 201 18.79 -8.85 -35.47
C PRO B 201 19.23 -8.75 -36.89
N VAL B 202 20.26 -7.95 -37.13
CA VAL B 202 20.95 -7.87 -38.41
C VAL B 202 22.27 -8.63 -38.25
N ASP B 203 22.38 -9.79 -38.89
CA ASP B 203 23.50 -10.69 -38.64
C ASP B 203 24.89 -10.04 -38.74
N ASP B 204 25.78 -10.45 -37.84
CA ASP B 204 27.16 -9.99 -37.86
C ASP B 204 27.78 -10.33 -39.21
N ALA B 205 27.46 -11.52 -39.72
CA ALA B 205 27.98 -11.99 -41.01
C ALA B 205 27.61 -11.04 -42.16
N GLU B 206 26.48 -10.37 -42.05
CA GLU B 206 26.01 -9.45 -43.09
C GLU B 206 26.67 -8.06 -42.97
N GLY B 207 27.72 -7.95 -42.16
CA GLY B 207 28.45 -6.71 -42.00
C GLY B 207 28.31 -6.06 -40.63
N LEU B 208 29.43 -5.69 -40.02
CA LEU B 208 29.42 -5.06 -38.70
C LEU B 208 28.96 -3.60 -38.75
N ILE B 209 28.34 -3.14 -37.66
CA ILE B 209 27.73 -1.82 -37.65
C ILE B 209 28.62 -0.78 -36.97
N ARG B 210 29.03 0.21 -37.77
CA ARG B 210 29.89 1.29 -37.28
C ARG B 210 29.02 2.30 -36.52
N THR B 211 29.44 2.68 -35.32
CA THR B 211 28.62 3.59 -34.53
C THR B 211 29.38 4.81 -33.99
N THR B 212 28.81 5.99 -34.18
CA THR B 212 29.34 7.22 -33.59
C THR B 212 28.23 7.91 -32.81
N TYR B 213 28.61 8.88 -31.97
CA TYR B 213 27.63 9.62 -31.18
C TYR B 213 28.24 10.91 -30.64
N THR B 214 27.39 11.86 -30.28
CA THR B 214 27.84 13.12 -29.69
C THR B 214 27.96 12.89 -28.19
N ASP B 215 29.11 13.21 -27.61
CA ASP B 215 29.25 13.04 -26.16
C ASP B 215 28.61 14.20 -25.40
N PHE B 216 29.00 14.37 -24.13
CA PHE B 216 28.39 15.38 -23.25
C PHE B 216 28.69 16.81 -23.70
N HIS B 217 29.77 17.00 -24.46
CA HIS B 217 30.10 18.29 -25.03
C HIS B 217 29.86 18.31 -26.53
N ALA B 218 28.85 17.60 -26.99
CA ALA B 218 28.52 17.52 -28.41
C ALA B 218 29.70 17.18 -29.32
N ASN B 219 30.67 16.42 -28.79
CA ASN B 219 31.82 15.96 -29.59
C ASN B 219 31.59 14.58 -30.17
N THR B 220 31.70 14.47 -31.50
CA THR B 220 31.44 13.19 -32.14
C THR B 220 32.55 12.19 -31.84
N ARG B 221 32.35 11.36 -30.83
CA ARG B 221 33.22 10.24 -30.57
C ARG B 221 32.66 9.02 -31.30
N ASP B 222 33.47 7.99 -31.50
CA ASP B 222 32.95 6.77 -32.10
C ASP B 222 32.85 5.69 -31.03
N LEU B 223 31.68 5.08 -30.97
CA LEU B 223 31.37 4.06 -30.00
C LEU B 223 32.31 2.87 -30.10
N PRO B 224 33.09 2.63 -29.05
CA PRO B 224 34.10 1.56 -28.99
C PRO B 224 33.42 0.23 -28.86
N ASP B 225 34.18 -0.85 -29.04
CA ASP B 225 33.68 -2.18 -28.76
C ASP B 225 33.33 -2.26 -27.29
N GLY B 226 32.53 -3.26 -26.95
CA GLY B 226 32.11 -3.43 -25.57
C GLY B 226 33.30 -3.66 -24.65
N GLU B 227 34.25 -4.46 -25.13
CA GLU B 227 35.42 -4.82 -24.33
C GLU B 227 36.29 -3.60 -24.02
N GLY B 228 36.14 -2.57 -24.85
CA GLY B 228 36.88 -1.34 -24.65
C GLY B 228 36.35 -0.54 -23.49
N VAL B 229 35.03 -0.51 -23.34
CA VAL B 229 34.37 0.33 -22.33
C VAL B 229 34.31 -0.28 -20.92
N PHE B 230 33.74 -1.47 -20.79
CA PHE B 230 33.53 -2.07 -19.49
C PHE B 230 34.68 -2.93 -19.02
N GLU B 231 35.11 -2.73 -17.79
CA GLU B 231 35.98 -3.69 -17.13
C GLU B 231 35.20 -5.00 -16.95
N SER B 232 35.89 -6.12 -17.02
CA SER B 232 35.23 -7.41 -16.82
C SER B 232 34.98 -7.62 -15.35
N VAL B 233 33.72 -7.85 -15.01
CA VAL B 233 33.35 -8.16 -13.64
C VAL B 233 33.79 -9.60 -13.33
N ASP B 234 34.10 -10.36 -14.38
CA ASP B 234 34.55 -11.73 -14.25
C ASP B 234 36.07 -11.82 -14.21
N GLY C 3 43.00 18.31 0.77
CA GLY C 3 42.73 16.89 0.62
C GLY C 3 41.27 16.64 0.28
N TYR C 4 40.69 17.51 -0.54
CA TYR C 4 39.30 17.37 -0.94
C TYR C 4 38.96 18.37 -2.04
N PHE C 5 37.94 18.07 -2.85
CA PHE C 5 37.51 19.00 -3.89
C PHE C 5 36.83 20.22 -3.24
N TYR C 6 37.63 21.25 -2.97
CA TYR C 6 37.18 22.47 -2.32
C TYR C 6 36.05 23.16 -3.08
N ASN C 7 36.17 23.22 -4.39
CA ASN C 7 35.14 23.89 -5.18
C ASN C 7 33.89 23.05 -5.48
N SER C 8 33.77 21.90 -4.84
CA SER C 8 32.58 21.08 -4.97
C SER C 8 31.28 21.86 -4.73
N SER C 9 30.40 21.91 -5.73
CA SER C 9 29.07 22.53 -5.55
C SER C 9 28.31 21.91 -4.37
N PHE C 10 28.21 20.58 -4.39
CA PHE C 10 27.60 19.84 -3.29
C PHE C 10 28.16 20.28 -1.95
N ARG C 11 29.48 20.17 -1.80
CA ARG C 11 30.13 20.61 -0.57
C ARG C 11 29.71 22.00 -0.17
N ARG C 12 29.71 22.94 -1.13
CA ARG C 12 29.28 24.31 -0.85
C ARG C 12 27.87 24.36 -0.23
N TYR C 13 26.95 23.57 -0.76
CA TYR C 13 25.62 23.52 -0.16
C TYR C 13 25.58 22.87 1.21
N ALA C 14 26.33 21.78 1.41
CA ALA C 14 26.37 21.15 2.74
C ALA C 14 26.88 22.13 3.75
N THR C 15 27.89 22.89 3.35
CA THR C 15 28.43 23.91 4.24
C THR C 15 27.46 25.07 4.49
N LEU C 16 26.85 25.62 3.45
CA LEU C 16 25.86 26.66 3.60
C LEU C 16 24.75 26.26 4.57
N MET C 17 24.17 25.08 4.38
CA MET C 17 23.12 24.60 5.28
C MET C 17 23.67 24.38 6.68
N GLY C 18 24.82 23.73 6.79
CA GLY C 18 25.44 23.55 8.09
C GLY C 18 25.65 24.85 8.86
N ASP C 19 26.03 25.89 8.12
CA ASP C 19 26.41 27.16 8.71
C ASP C 19 25.20 27.99 9.09
N LEU C 20 24.08 27.85 8.36
CA LEU C 20 22.86 28.51 8.81
C LEU C 20 22.49 28.01 10.21
N PHE C 21 22.67 26.71 10.40
CA PHE C 21 22.36 26.06 11.67
C PHE C 21 23.58 25.82 12.55
N SER C 22 24.68 26.51 12.26
CA SER C 22 25.94 26.29 12.98
C SER C 22 25.99 26.98 14.34
N ASN C 23 25.28 28.09 14.45
CA ASN C 23 25.38 28.95 15.62
C ASN C 23 24.06 29.01 16.38
N ILE C 24 23.59 27.86 16.86
CA ILE C 24 22.37 27.79 17.67
C ILE C 24 22.71 27.43 19.12
N GLN C 25 22.24 28.21 20.08
CA GLN C 25 22.57 27.89 21.46
C GLN C 25 21.36 27.58 22.27
N ILE C 26 21.58 27.02 23.46
CA ILE C 26 20.50 26.81 24.41
C ILE C 26 20.94 27.30 25.80
N LYS C 27 20.01 27.94 26.49
CA LYS C 27 20.25 28.46 27.83
C LYS C 27 20.14 27.30 28.81
N ARG C 28 20.82 27.43 29.93
CA ARG C 28 20.89 26.35 30.89
C ARG C 28 21.18 26.97 32.28
N GLN C 29 20.16 27.49 32.97
CA GLN C 29 20.36 28.28 34.22
C GLN C 29 21.32 27.62 35.22
N LEU C 30 22.16 28.41 35.85
CA LEU C 30 23.12 27.86 36.81
C LEU C 30 23.13 28.69 38.06
N GLU C 31 23.53 28.08 39.16
CA GLU C 31 23.57 28.76 40.46
C GLU C 31 24.46 30.00 40.31
N SER C 32 25.58 29.83 39.62
CA SER C 32 26.46 30.96 39.34
C SER C 32 25.91 31.90 38.26
N GLY C 33 25.13 31.38 37.31
CA GLY C 33 24.53 32.25 36.29
C GLY C 33 24.22 31.53 34.99
N ASP C 34 23.45 32.15 34.09
CA ASP C 34 23.03 31.52 32.83
C ASP C 34 24.15 31.26 31.84
N LYS C 35 24.60 30.00 31.75
CA LYS C 35 25.54 29.58 30.71
C LYS C 35 24.76 29.21 29.46
N PHE C 36 25.25 29.61 28.30
CA PHE C 36 24.64 29.20 27.04
C PHE C 36 25.57 28.22 26.34
N ILE C 37 25.05 27.10 25.85
CA ILE C 37 25.91 26.18 25.09
C ILE C 37 25.53 26.11 23.62
N ARG C 38 26.54 26.15 22.77
CA ARG C 38 26.34 26.02 21.33
C ARG C 38 26.13 24.56 20.96
N VAL C 39 25.07 24.29 20.20
CA VAL C 39 24.79 22.96 19.71
C VAL C 39 25.74 22.65 18.55
N PRO C 40 26.62 21.65 18.74
CA PRO C 40 27.57 21.16 17.72
C PRO C 40 26.83 20.46 16.59
N ILE C 41 27.34 20.58 15.38
CA ILE C 41 26.62 20.08 14.23
C ILE C 41 27.56 19.23 13.39
N THR C 42 27.04 18.09 12.92
CA THR C 42 27.84 17.12 12.15
C THR C 42 27.21 16.85 10.77
N TYR C 43 28.03 16.41 9.83
CA TYR C 43 27.53 16.00 8.51
C TYR C 43 27.89 14.56 8.28
N ALA C 44 26.89 13.70 8.31
CA ALA C 44 27.13 12.27 8.22
C ALA C 44 25.80 11.60 7.93
N SER C 45 25.83 10.42 7.33
CA SER C 45 24.61 9.65 7.16
C SER C 45 23.98 9.44 8.53
N LYS C 46 22.66 9.51 8.58
CA LYS C 46 21.99 9.44 9.88
C LYS C 46 22.30 8.14 10.61
N GLU C 47 22.30 7.02 9.89
CA GLU C 47 22.59 5.73 10.50
C GLU C 47 23.95 5.74 11.17
N HIS C 48 24.94 6.22 10.43
CA HIS C 48 26.33 6.29 10.90
C HIS C 48 26.37 7.12 12.18
N PHE C 49 25.69 8.26 12.13
CA PHE C 49 25.66 9.16 13.26
C PHE C 49 25.05 8.52 14.49
N MET C 50 23.95 7.80 14.32
CA MET C 50 23.31 7.14 15.45
C MET C 50 24.18 6.01 16.01
N MET C 51 24.81 5.24 15.13
CA MET C 51 25.80 4.27 15.56
C MET C 51 26.81 4.93 16.50
N LYS C 52 27.54 5.91 15.97
CA LYS C 52 28.60 6.57 16.72
C LYS C 52 28.04 7.20 17.99
N LEU C 53 26.78 7.61 17.93
CA LEU C 53 26.13 8.25 19.07
C LEU C 53 25.87 7.26 20.20
N ASN C 54 25.46 6.05 19.83
CA ASN C 54 25.29 4.97 20.80
C ASN C 54 26.64 4.48 21.35
N LYS C 55 27.68 4.56 20.51
CA LYS C 55 29.03 4.30 21.00
C LYS C 55 29.39 5.32 22.10
N TRP C 56 29.30 6.62 21.74
CA TRP C 56 29.64 7.70 22.65
C TRP C 56 28.76 7.66 23.91
N THR C 57 27.56 7.11 23.77
CA THR C 57 26.55 7.10 24.83
C THR C 57 26.75 6.03 25.89
N SER C 58 27.45 4.95 25.53
CA SER C 58 27.68 3.86 26.47
C SER C 58 28.61 4.26 27.62
N ILE C 59 28.23 3.92 28.84
CA ILE C 59 29.04 4.23 30.02
C ILE C 59 30.32 3.41 30.05
N GLU C 69 26.25 13.74 29.34
CA GLU C 69 25.38 14.87 29.06
C GLU C 69 26.12 15.99 28.38
N THR C 70 27.39 15.74 28.04
CA THR C 70 28.14 16.72 27.28
C THR C 70 28.00 16.39 25.79
N ILE C 71 27.41 15.24 25.53
CA ILE C 71 27.25 14.80 24.14
C ILE C 71 26.00 15.37 23.44
N LEU C 72 24.88 15.34 24.17
CA LEU C 72 23.66 15.96 23.72
C LEU C 72 23.55 17.33 24.37
N PRO C 73 22.94 18.30 23.68
CA PRO C 73 22.19 18.15 22.43
C PRO C 73 23.13 18.25 21.28
N ARG C 74 22.74 17.67 20.15
CA ARG C 74 23.48 17.90 18.92
C ARG C 74 22.63 17.73 17.68
N ILE C 75 23.11 18.32 16.61
CA ILE C 75 22.40 18.33 15.35
C ILE C 75 23.25 17.55 14.37
N ASN C 76 22.58 16.78 13.51
CA ASN C 76 23.26 16.09 12.42
C ASN C 76 22.57 16.39 11.10
N LEU C 77 23.31 16.88 10.12
CA LEU C 77 22.71 17.30 8.86
C LEU C 77 23.12 16.29 7.86
N HIS C 78 22.27 15.99 6.88
CA HIS C 78 22.76 15.15 5.77
C HIS C 78 21.94 15.21 4.48
N LEU C 79 22.58 15.11 3.33
CA LEU C 79 21.84 15.07 2.06
C LEU C 79 21.19 13.71 1.88
N VAL C 80 19.95 13.72 1.39
CA VAL C 80 19.11 12.51 1.33
C VAL C 80 18.53 12.28 -0.06
N ASP C 81 18.41 13.35 -0.82
CA ASP C 81 17.95 13.24 -2.18
C ASP C 81 18.25 14.49 -3.05
N PHE C 82 18.25 14.30 -4.36
CA PHE C 82 18.29 15.44 -5.28
C PHE C 82 17.60 15.11 -6.59
N SER C 83 17.44 16.12 -7.44
CA SER C 83 16.81 15.94 -8.74
C SER C 83 16.95 17.23 -9.53
N TYR C 84 16.61 17.15 -10.82
CA TYR C 84 16.58 18.35 -11.64
C TYR C 84 15.35 19.17 -11.28
N ASN C 85 15.56 20.47 -11.20
CA ASN C 85 14.50 21.36 -10.75
C ASN C 85 13.71 21.97 -11.90
N ALA C 86 12.76 21.19 -12.41
CA ALA C 86 11.84 21.67 -13.43
C ALA C 86 11.00 22.84 -12.89
N PRO C 87 11.17 24.02 -13.49
CA PRO C 87 10.42 25.21 -13.05
C PRO C 87 9.05 25.28 -13.72
N VAL C 105 25.39 28.62 -24.39
CA VAL C 105 24.67 27.45 -24.89
C VAL C 105 25.00 26.19 -24.10
N VAL C 106 26.22 26.15 -23.56
CA VAL C 106 26.75 24.98 -22.85
C VAL C 106 26.46 25.15 -21.35
N SER C 107 27.03 24.31 -20.49
CA SER C 107 26.59 24.22 -19.09
C SER C 107 27.64 24.52 -18.02
N GLN C 108 27.63 25.78 -17.54
CA GLN C 108 28.12 26.22 -16.21
C GLN C 108 28.21 27.73 -16.14
N TYR C 109 27.41 28.32 -15.24
CA TYR C 109 27.15 29.79 -15.16
C TYR C 109 27.14 30.49 -16.52
N ASN C 110 26.08 30.31 -17.33
CA ASN C 110 24.78 29.71 -16.94
C ASN C 110 24.74 28.24 -16.46
N PRO C 111 24.24 28.02 -15.23
CA PRO C 111 24.29 26.71 -14.59
C PRO C 111 22.92 26.06 -14.57
N SER C 112 22.86 24.89 -13.94
CA SER C 112 21.68 24.03 -14.00
C SER C 112 20.92 24.08 -12.69
N PRO C 113 19.60 24.36 -12.77
CA PRO C 113 18.77 24.48 -11.58
C PRO C 113 18.57 23.11 -10.94
N ILE C 114 19.19 22.90 -9.79
CA ILE C 114 19.11 21.62 -9.12
C ILE C 114 18.30 21.77 -7.83
N LYS C 115 17.84 20.66 -7.30
CA LYS C 115 17.09 20.68 -6.07
C LYS C 115 17.59 19.59 -5.13
N MET C 116 18.14 20.00 -3.98
CA MET C 116 18.72 19.06 -3.01
C MET C 116 17.87 18.93 -1.74
N ILE C 117 17.73 17.72 -1.24
CA ILE C 117 16.96 17.49 -0.02
C ILE C 117 17.90 17.16 1.13
N TYR C 118 17.72 17.86 2.25
CA TYR C 118 18.54 17.67 3.44
C TYR C 118 17.68 17.24 4.62
N GLU C 119 18.24 16.36 5.43
CA GLU C 119 17.59 15.96 6.67
C GLU C 119 18.40 16.49 7.85
N LEU C 120 17.85 17.51 8.50
CA LEU C 120 18.42 18.12 9.71
C LEU C 120 17.85 17.39 10.91
N SER C 121 18.71 16.82 11.74
CA SER C 121 18.24 15.90 12.81
C SER C 121 18.76 16.27 14.18
N ILE C 122 17.84 16.69 15.03
CA ILE C 122 18.17 17.19 16.35
C ILE C 122 17.96 16.12 17.40
N PHE C 123 18.95 15.96 18.27
CA PHE C 123 18.93 14.94 19.29
C PHE C 123 19.18 15.66 20.59
N THR C 124 18.45 15.24 21.62
CA THR C 124 18.30 16.03 22.82
C THR C 124 17.99 15.13 24.02
N ARG C 125 18.48 15.49 25.20
CA ARG C 125 18.06 14.76 26.40
C ARG C 125 16.73 15.28 26.97
N TYR C 126 16.48 16.58 26.87
CA TYR C 126 15.27 17.17 27.44
C TYR C 126 14.37 17.88 26.44
N GLU C 127 13.06 17.65 26.58
CA GLU C 127 12.08 18.38 25.79
C GLU C 127 12.37 19.90 25.70
N ASP C 128 12.86 20.46 26.82
CA ASP C 128 13.16 21.89 26.92
C ASP C 128 14.16 22.28 25.86
N ASP C 129 15.33 21.64 25.91
CA ASP C 129 16.37 21.87 24.93
C ASP C 129 15.82 21.83 23.49
N MET C 130 15.05 20.78 23.18
CA MET C 130 14.43 20.66 21.87
C MET C 130 13.64 21.91 21.50
N PHE C 131 12.77 22.34 22.43
CA PHE C 131 11.92 23.52 22.23
C PHE C 131 12.73 24.76 21.90
N GLN C 132 13.78 24.99 22.68
CA GLN C 132 14.66 26.12 22.42
C GLN C 132 15.23 26.06 21.00
N ILE C 133 15.85 24.92 20.70
CA ILE C 133 16.48 24.72 19.40
C ILE C 133 15.51 25.03 18.24
N VAL C 134 14.43 24.28 18.15
CA VAL C 134 13.51 24.47 17.04
C VAL C 134 12.94 25.89 17.03
N GLU C 135 12.68 26.45 18.21
CA GLU C 135 12.11 27.79 18.22
C GLU C 135 13.09 28.76 17.61
N GLN C 136 14.37 28.38 17.59
CA GLN C 136 15.34 29.19 16.88
C GLN C 136 15.37 28.88 15.38
N ILE C 137 14.99 27.68 14.98
CA ILE C 137 14.95 27.37 13.54
C ILE C 137 13.65 27.73 12.81
N LEU C 138 12.57 27.09 13.24
CA LEU C 138 11.23 27.12 12.63
C LEU C 138 10.65 28.47 12.18
N PRO C 139 10.80 29.52 12.99
CA PRO C 139 10.01 30.69 12.59
C PRO C 139 10.50 31.38 11.32
N TYR C 140 11.69 31.04 10.83
CA TYR C 140 12.26 31.70 9.65
C TYR C 140 11.81 31.10 8.30
N PHE C 141 11.12 29.97 8.36
CA PHE C 141 10.70 29.24 7.16
C PHE C 141 9.19 29.34 6.95
N GLN C 142 8.75 30.22 6.06
CA GLN C 142 7.31 30.49 5.91
C GLN C 142 6.69 30.30 4.51
N PRO C 143 6.73 29.07 3.97
CA PRO C 143 7.39 27.87 4.51
C PRO C 143 8.83 27.90 4.06
N HIS C 144 9.15 28.90 3.24
CA HIS C 144 10.49 29.04 2.68
C HIS C 144 11.29 30.10 3.43
N PHE C 145 12.55 30.21 3.01
CA PHE C 145 13.48 31.18 3.52
C PHE C 145 14.44 31.44 2.38
N ASN C 146 14.57 32.70 1.98
CA ASN C 146 15.47 33.04 0.88
C ASN C 146 16.86 33.43 1.38
N THR C 147 17.88 33.11 0.60
CA THR C 147 19.21 33.63 0.84
C THR C 147 19.89 33.96 -0.48
N THR C 148 20.60 35.07 -0.51
CA THR C 148 21.35 35.43 -1.70
C THR C 148 22.81 35.04 -1.47
N MET C 149 23.30 34.14 -2.29
CA MET C 149 24.65 33.66 -2.13
C MET C 149 25.52 34.28 -3.21
N TYR C 150 26.62 34.91 -2.80
CA TYR C 150 27.59 35.44 -3.76
C TYR C 150 28.82 34.57 -3.83
N GLU C 151 29.05 33.98 -5.00
CA GLU C 151 30.22 33.14 -5.14
C GLU C 151 31.14 33.70 -6.21
N GLN C 152 32.36 34.00 -5.80
CA GLN C 152 33.32 34.66 -6.68
C GLN C 152 34.53 33.79 -7.02
N PHE C 153 34.85 33.71 -8.30
CA PHE C 153 35.95 32.88 -8.76
C PHE C 153 37.21 33.73 -8.91
N GLY C 154 38.22 33.44 -8.10
CA GLY C 154 39.45 34.21 -8.13
C GLY C 154 39.14 35.67 -7.88
N ASN C 155 39.02 36.45 -8.95
CA ASN C 155 38.78 37.89 -8.80
C ASN C 155 37.77 38.49 -9.77
N ASP C 156 37.11 37.65 -10.56
CA ASP C 156 36.06 38.12 -11.46
C ASP C 156 34.93 38.75 -10.66
N ILE C 157 34.01 39.42 -11.35
CA ILE C 157 32.78 39.85 -10.71
C ILE C 157 32.05 38.61 -10.18
N PRO C 158 31.65 38.67 -8.90
CA PRO C 158 31.03 37.49 -8.28
C PRO C 158 29.71 37.14 -8.94
N PHE C 159 29.35 35.86 -8.89
CA PHE C 159 28.05 35.42 -9.34
C PHE C 159 27.03 35.54 -8.21
N LYS C 160 25.83 35.97 -8.58
CA LYS C 160 24.71 36.10 -7.67
C LYS C 160 23.79 34.90 -7.85
N ARG C 161 23.59 34.14 -6.79
CA ARG C 161 22.78 32.93 -6.86
C ARG C 161 21.65 33.02 -5.85
N ASP C 162 20.41 32.93 -6.34
CA ASP C 162 19.24 33.05 -5.49
C ASP C 162 18.80 31.68 -4.97
N ILE C 163 18.81 31.52 -3.66
CA ILE C 163 18.64 30.20 -3.05
C ILE C 163 17.38 30.18 -2.20
N LYS C 164 16.39 29.40 -2.62
CA LYS C 164 15.18 29.21 -1.83
C LYS C 164 15.34 27.94 -1.01
N ILE C 165 15.25 28.05 0.30
CA ILE C 165 15.28 26.86 1.15
C ILE C 165 13.92 26.65 1.77
N VAL C 166 13.29 25.52 1.47
CA VAL C 166 11.93 25.26 1.97
C VAL C 166 11.85 24.15 3.02
N LEU C 167 11.23 24.47 4.16
CA LEU C 167 10.96 23.46 5.18
C LEU C 167 9.79 22.58 4.75
N MET C 168 10.10 21.32 4.46
CA MET C 168 9.15 20.42 3.84
C MET C 168 8.29 19.67 4.86
N SER C 169 8.93 19.14 5.88
CA SER C 169 8.23 18.32 6.84
C SER C 169 8.96 18.29 8.17
N ALA C 170 8.28 17.81 9.21
CA ALA C 170 8.93 17.51 10.48
C ALA C 170 8.56 16.09 10.88
N ALA C 171 9.43 15.46 11.66
CA ALA C 171 9.20 14.07 12.07
C ALA C 171 9.63 13.94 13.52
N ILE C 172 8.75 13.43 14.37
CA ILE C 172 9.07 13.38 15.79
C ILE C 172 9.15 11.94 16.36
N ASP C 173 10.19 11.66 17.14
CA ASP C 173 10.41 10.30 17.61
C ASP C 173 11.18 10.26 18.93
N GLU C 174 11.02 9.17 19.68
CA GLU C 174 11.77 8.98 20.93
C GLU C 174 12.68 7.74 20.93
N ALA C 175 13.44 7.59 22.00
CA ALA C 175 14.29 6.43 22.22
C ALA C 175 14.55 6.28 23.71
N ILE C 176 14.45 5.07 24.23
CA ILE C 176 14.45 4.88 25.68
C ILE C 176 15.40 3.78 26.18
N ASP C 177 15.95 4.01 27.38
CA ASP C 177 16.58 2.97 28.20
C ASP C 177 16.57 3.41 29.67
N GLY C 178 15.50 3.05 30.39
CA GLY C 178 15.35 3.44 31.79
C GLY C 178 14.04 4.16 32.05
N ARG C 183 16.42 7.62 30.29
CA ARG C 183 15.33 8.57 30.11
C ARG C 183 14.52 8.46 28.78
N ARG C 184 15.14 8.51 27.59
CA ARG C 184 16.60 8.65 27.37
C ARG C 184 16.96 9.71 26.34
N ARG C 185 16.37 9.63 25.14
CA ARG C 185 16.82 10.48 24.04
C ARG C 185 15.71 10.90 23.05
N ILE C 186 15.60 12.20 22.80
CA ILE C 186 14.55 12.75 21.94
C ILE C 186 15.10 13.14 20.57
N GLU C 187 14.40 12.73 19.51
CA GLU C 187 14.86 13.05 18.17
C GLU C 187 13.78 13.75 17.36
N TRP C 188 14.09 14.93 16.83
CA TRP C 188 13.23 15.58 15.84
C TRP C 188 13.97 15.76 14.53
N SER C 189 13.33 15.43 13.41
CA SER C 189 13.98 15.66 12.12
C SER C 189 13.20 16.59 11.18
N LEU C 190 13.81 17.72 10.84
CA LEU C 190 13.29 18.62 9.81
C LEU C 190 13.80 18.21 8.43
N THR C 191 12.92 18.21 7.44
CA THR C 191 13.36 17.97 6.07
C THR C 191 13.31 19.24 5.24
N PHE C 192 14.43 19.64 4.66
CA PHE C 192 14.49 20.87 3.91
C PHE C 192 14.77 20.65 2.43
N GLU C 193 14.08 21.41 1.59
CA GLU C 193 14.42 21.46 0.17
C GLU C 193 15.21 22.72 -0.17
N VAL C 194 16.46 22.54 -0.55
CA VAL C 194 17.31 23.61 -1.06
C VAL C 194 17.21 23.69 -2.58
N ASN C 195 16.75 24.83 -3.09
CA ASN C 195 16.67 25.06 -4.51
C ASN C 195 17.90 25.81 -5.00
N GLY C 196 18.89 25.08 -5.51
CA GLY C 196 20.17 25.68 -5.79
C GLY C 196 20.65 25.50 -7.21
N TRP C 197 21.96 25.60 -7.39
CA TRP C 197 22.54 25.57 -8.72
C TRP C 197 23.74 24.65 -8.80
N MET C 198 23.83 23.93 -9.91
CA MET C 198 24.87 22.94 -10.11
C MET C 198 25.60 23.24 -11.43
N TYR C 199 26.88 22.85 -11.50
CA TYR C 199 27.70 23.02 -12.70
C TYR C 199 28.98 22.20 -12.56
N PRO C 200 29.55 21.74 -13.70
CA PRO C 200 30.68 20.80 -13.71
C PRO C 200 31.90 21.36 -12.99
N PRO C 201 32.66 20.46 -12.32
CA PRO C 201 33.82 20.76 -11.48
C PRO C 201 34.71 21.85 -12.03
N VAL C 202 34.91 22.89 -11.24
CA VAL C 202 35.88 23.92 -11.53
C VAL C 202 37.10 23.69 -10.65
N ASP C 203 38.22 23.25 -11.26
CA ASP C 203 39.37 22.77 -10.48
C ASP C 203 39.85 23.74 -9.38
N ASP C 204 40.24 23.17 -8.24
CA ASP C 204 40.79 23.95 -7.14
C ASP C 204 42.02 24.70 -7.64
N ALA C 205 42.82 24.03 -8.48
CA ALA C 205 44.03 24.60 -9.05
C ALA C 205 43.75 25.88 -9.83
N GLU C 206 42.56 25.97 -10.44
CA GLU C 206 42.19 27.12 -11.24
C GLU C 206 41.65 28.28 -10.39
N GLY C 207 41.86 28.19 -9.07
CA GLY C 207 41.45 29.23 -8.14
C GLY C 207 40.30 28.85 -7.22
N LEU C 208 40.46 29.11 -5.92
CA LEU C 208 39.42 28.78 -4.93
C LEU C 208 38.24 29.74 -4.99
N ILE C 209 37.06 29.24 -4.66
CA ILE C 209 35.84 30.02 -4.79
C ILE C 209 35.42 30.66 -3.48
N ARG C 210 35.40 31.99 -3.45
CA ARG C 210 34.99 32.77 -2.28
C ARG C 210 33.47 32.80 -2.18
N THR C 211 32.91 32.49 -1.01
CA THR C 211 31.47 32.43 -0.91
C THR C 211 30.92 33.25 0.26
N THR C 212 29.90 34.05 -0.01
CA THR C 212 29.16 34.76 1.03
C THR C 212 27.68 34.46 0.91
N TYR C 213 26.91 34.78 1.94
CA TYR C 213 25.46 34.56 1.90
C TYR C 213 24.76 35.38 2.98
N THR C 214 23.47 35.60 2.80
CA THR C 214 22.66 36.28 3.79
C THR C 214 22.17 35.24 4.80
N ASP C 215 22.41 35.49 6.09
CA ASP C 215 21.91 34.55 7.10
C ASP C 215 20.42 34.79 7.37
N PHE C 216 19.94 34.25 8.50
CA PHE C 216 18.53 34.29 8.87
C PHE C 216 18.00 35.71 9.12
N HIS C 217 18.91 36.63 9.46
CA HIS C 217 18.57 38.03 9.63
C HIS C 217 19.11 38.88 8.47
N ALA C 218 19.15 38.31 7.28
CA ALA C 218 19.67 39.01 6.10
C ALA C 218 21.05 39.66 6.30
N ASN C 219 21.87 39.08 7.18
CA ASN C 219 23.24 39.55 7.39
C ASN C 219 24.24 38.83 6.53
N THR C 220 25.01 39.56 5.72
CA THR C 220 25.96 38.93 4.84
C THR C 220 27.15 38.36 5.62
N ARG C 221 27.08 37.07 5.95
CA ARG C 221 28.21 36.37 6.51
C ARG C 221 28.98 35.74 5.36
N ASP C 222 30.23 35.36 5.58
CA ASP C 222 30.96 34.63 4.54
C ASP C 222 31.10 33.17 4.92
N LEU C 223 30.69 32.32 3.99
CA LEU C 223 30.71 30.88 4.14
C LEU C 223 32.11 30.38 4.50
N PRO C 224 32.25 29.79 5.70
CA PRO C 224 33.51 29.30 6.24
C PRO C 224 33.93 28.04 5.52
N ASP C 225 35.17 27.58 5.72
CA ASP C 225 35.55 26.26 5.25
C ASP C 225 34.69 25.20 5.91
N GLY C 226 34.66 24.00 5.32
CA GLY C 226 33.88 22.92 5.88
C GLY C 226 34.32 22.57 7.29
N GLU C 227 35.64 22.54 7.51
CA GLU C 227 36.22 22.17 8.79
C GLU C 227 35.84 23.16 9.89
N GLY C 228 35.51 24.38 9.48
CA GLY C 228 35.05 25.39 10.42
C GLY C 228 33.66 25.12 10.97
N VAL C 229 32.78 24.58 10.11
CA VAL C 229 31.37 24.42 10.45
C VAL C 229 31.05 23.12 11.18
N PHE C 230 31.42 22.00 10.59
CA PHE C 230 31.03 20.72 11.16
C PHE C 230 32.06 20.14 12.09
N GLU C 231 31.60 19.67 13.23
CA GLU C 231 32.44 18.86 14.10
C GLU C 231 32.71 17.55 13.37
N SER C 232 33.90 16.98 13.58
CA SER C 232 34.22 15.71 12.94
C SER C 232 33.48 14.60 13.66
N VAL C 233 32.71 13.84 12.90
CA VAL C 233 32.04 12.66 13.46
C VAL C 233 33.09 11.54 13.64
N ASP C 234 34.25 11.72 13.02
CA ASP C 234 35.34 10.76 13.14
C ASP C 234 36.32 11.14 14.25
N GLY D 3 14.72 26.93 35.57
CA GLY D 3 15.49 25.82 35.03
C GLY D 3 14.86 25.30 33.75
N TYR D 4 14.36 26.23 32.95
CA TYR D 4 13.71 25.92 31.68
C TYR D 4 13.37 27.21 30.95
N PHE D 5 13.19 27.11 29.64
CA PHE D 5 12.82 28.30 28.87
C PHE D 5 11.33 28.62 29.09
N TYR D 6 11.05 29.48 30.07
CA TYR D 6 9.70 29.86 30.43
C TYR D 6 8.92 30.46 29.27
N ASN D 7 9.60 31.32 28.51
CA ASN D 7 8.94 31.97 27.38
C ASN D 7 8.85 31.14 26.09
N SER D 8 9.16 29.86 26.18
CA SER D 8 8.99 28.96 25.06
C SER D 8 7.58 28.99 24.46
N SER D 9 7.47 29.37 23.18
CA SER D 9 6.20 29.31 22.46
C SER D 9 5.58 27.93 22.54
N PHE D 10 6.36 26.92 22.17
CA PHE D 10 5.93 25.53 22.27
C PHE D 10 5.35 25.21 23.63
N ARG D 11 6.17 25.42 24.67
CA ARG D 11 5.71 25.26 26.04
C ARG D 11 4.35 25.93 26.30
N ARG D 12 4.20 27.19 25.86
CA ARG D 12 2.95 27.92 26.05
C ARG D 12 1.79 27.18 25.44
N TYR D 13 2.00 26.60 24.27
CA TYR D 13 0.91 25.82 23.67
C TYR D 13 0.63 24.50 24.37
N ALA D 14 1.67 23.78 24.78
CA ALA D 14 1.46 22.54 25.54
C ALA D 14 0.68 22.84 26.81
N THR D 15 1.00 23.96 27.44
CA THR D 15 0.30 24.34 28.64
C THR D 15 -1.13 24.76 28.37
N LEU D 16 -1.34 25.60 27.36
CA LEU D 16 -2.71 25.98 26.97
C LEU D 16 -3.60 24.77 26.72
N MET D 17 -3.11 23.83 25.91
CA MET D 17 -3.89 22.63 25.63
C MET D 17 -4.08 21.81 26.89
N GLY D 18 -3.00 21.62 27.65
CA GLY D 18 -3.11 20.89 28.91
C GLY D 18 -4.18 21.46 29.84
N ASP D 19 -4.25 22.79 29.90
CA ASP D 19 -5.13 23.49 30.82
C ASP D 19 -6.57 23.53 30.35
N LEU D 20 -6.81 23.52 29.05
CA LEU D 20 -8.19 23.35 28.60
C LEU D 20 -8.76 22.04 29.12
N PHE D 21 -7.92 21.00 29.11
CA PHE D 21 -8.35 19.70 29.57
C PHE D 21 -7.90 19.38 31.00
N SER D 22 -7.51 20.40 31.74
CA SER D 22 -6.91 20.18 33.05
C SER D 22 -7.95 19.87 34.12
N ASN D 23 -9.14 20.43 33.93
CA ASN D 23 -10.17 20.42 34.96
C ASN D 23 -11.40 19.63 34.52
N ILE D 24 -11.19 18.35 34.21
CA ILE D 24 -12.27 17.42 33.85
C ILE D 24 -12.51 16.44 34.98
N GLN D 25 -13.75 16.30 35.43
CA GLN D 25 -14.00 15.32 36.47
C GLN D 25 -14.94 14.22 36.04
N ILE D 26 -14.99 13.16 36.84
CA ILE D 26 -15.98 12.11 36.65
C ILE D 26 -16.70 11.78 37.97
N LYS D 27 -18.01 11.58 37.87
CA LYS D 27 -18.82 11.23 39.04
C LYS D 27 -18.61 9.77 39.35
N ARG D 28 -18.86 9.38 40.59
CA ARG D 28 -18.57 8.04 41.07
C ARG D 28 -19.44 7.81 42.33
N GLN D 29 -20.75 7.56 42.16
CA GLN D 29 -21.74 7.46 43.28
C GLN D 29 -21.32 6.60 44.48
N LEU D 30 -21.39 7.17 45.69
CA LEU D 30 -21.02 6.42 46.89
C LEU D 30 -22.21 6.16 47.81
N GLU D 31 -22.03 5.24 48.75
CA GLU D 31 -23.02 4.98 49.77
C GLU D 31 -23.21 6.28 50.54
N SER D 32 -22.10 6.93 50.84
CA SER D 32 -22.15 8.24 51.50
C SER D 32 -22.49 9.38 50.52
N GLY D 33 -22.43 9.12 49.22
CA GLY D 33 -22.80 10.14 48.24
C GLY D 33 -21.81 10.39 47.11
N ASP D 34 -22.26 11.04 46.04
CA ASP D 34 -21.45 11.29 44.84
C ASP D 34 -20.13 11.99 45.12
N LYS D 35 -19.02 11.29 44.90
CA LYS D 35 -17.68 11.91 44.92
C LYS D 35 -17.27 12.23 43.50
N PHE D 36 -16.60 13.34 43.29
CA PHE D 36 -16.18 13.65 41.94
C PHE D 36 -14.67 13.60 41.91
N ILE D 37 -14.08 12.91 40.94
CA ILE D 37 -12.62 12.91 40.88
C ILE D 37 -12.09 13.61 39.64
N ARG D 38 -11.09 14.47 39.83
CA ARG D 38 -10.45 15.17 38.71
C ARG D 38 -9.50 14.23 38.02
N VAL D 39 -9.62 14.14 36.70
CA VAL D 39 -8.70 13.38 35.88
C VAL D 39 -7.37 14.11 35.74
N PRO D 40 -6.28 13.52 36.27
CA PRO D 40 -4.93 14.04 36.20
C PRO D 40 -4.39 13.98 34.79
N ILE D 41 -3.57 14.95 34.41
CA ILE D 41 -3.14 15.04 33.02
C ILE D 41 -1.61 15.21 32.96
N THR D 42 -0.97 14.48 32.05
CA THR D 42 0.49 14.47 31.93
C THR D 42 0.91 14.87 30.53
N TYR D 43 2.14 15.34 30.40
CA TYR D 43 2.70 15.64 29.09
C TYR D 43 3.97 14.82 28.90
N ALA D 44 3.88 13.86 27.99
CA ALA D 44 4.96 12.92 27.78
C ALA D 44 4.67 12.15 26.49
N SER D 45 5.73 11.64 25.87
CA SER D 45 5.57 10.82 24.69
C SER D 45 4.66 9.67 25.07
N LYS D 46 3.78 9.26 24.15
CA LYS D 46 2.79 8.25 24.50
C LYS D 46 3.44 6.95 24.94
N GLU D 47 4.48 6.53 24.21
CA GLU D 47 5.20 5.30 24.55
C GLU D 47 5.72 5.36 25.99
N HIS D 48 6.37 6.46 26.34
CA HIS D 48 6.95 6.65 27.65
C HIS D 48 5.88 6.54 28.71
N PHE D 49 4.76 7.19 28.43
CA PHE D 49 3.63 7.20 29.35
C PHE D 49 3.09 5.79 29.56
N MET D 50 2.95 5.02 28.49
CA MET D 50 2.43 3.66 28.60
C MET D 50 3.40 2.75 29.35
N MET D 51 4.69 2.89 29.08
CA MET D 51 5.72 2.24 29.87
C MET D 51 5.48 2.47 31.36
N LYS D 52 5.55 3.75 31.74
CA LYS D 52 5.42 4.10 33.15
C LYS D 52 4.07 3.65 33.72
N LEU D 53 3.06 3.59 32.85
CA LEU D 53 1.72 3.21 33.26
C LEU D 53 1.66 1.73 33.59
N ASN D 54 2.34 0.92 32.79
CA ASN D 54 2.45 -0.51 33.07
C ASN D 54 3.31 -0.76 34.30
N LYS D 55 4.30 0.10 34.53
CA LYS D 55 5.07 0.02 35.76
C LYS D 55 4.14 0.24 36.95
N TRP D 56 3.44 1.37 36.94
CA TRP D 56 2.51 1.75 38.02
C TRP D 56 1.39 0.70 38.21
N THR D 57 0.99 0.04 37.12
CA THR D 57 -0.16 -0.87 37.10
C THR D 57 0.10 -2.23 37.75
N SER D 58 1.38 -2.64 37.80
CA SER D 58 1.73 -3.96 38.30
C SER D 58 1.67 -4.04 39.83
N VAL D 68 -4.30 1.62 42.98
CA VAL D 68 -4.26 0.86 41.72
C VAL D 68 -5.38 1.29 40.78
N GLU D 69 -6.59 1.31 41.33
CA GLU D 69 -7.68 2.02 40.67
C GLU D 69 -7.62 3.50 40.99
N THR D 70 -6.54 3.89 41.65
CA THR D 70 -6.28 5.30 41.91
C THR D 70 -5.46 5.89 40.77
N ILE D 71 -5.00 5.02 39.86
CA ILE D 71 -4.13 5.46 38.79
C ILE D 71 -4.91 5.88 37.55
N LEU D 72 -5.91 5.08 37.21
CA LEU D 72 -6.84 5.46 36.17
C LEU D 72 -8.11 6.04 36.82
N PRO D 73 -8.79 6.98 36.12
CA PRO D 73 -8.55 7.39 34.73
C PRO D 73 -7.47 8.42 34.67
N ARG D 74 -6.84 8.56 33.52
CA ARG D 74 -5.94 9.69 33.33
C ARG D 74 -5.73 10.02 31.88
N ILE D 75 -5.34 11.26 31.64
CA ILE D 75 -5.18 11.79 30.31
C ILE D 75 -3.71 12.05 30.12
N ASN D 76 -3.21 11.74 28.92
CA ASN D 76 -1.85 12.08 28.55
C ASN D 76 -1.86 12.88 27.26
N LEU D 77 -1.27 14.06 27.27
CA LEU D 77 -1.27 14.91 26.08
C LEU D 77 0.11 14.88 25.51
N HIS D 78 0.25 14.99 24.19
CA HIS D 78 1.61 15.16 23.64
C HIS D 78 1.67 15.72 22.21
N LEU D 79 2.69 16.53 21.90
CA LEU D 79 2.84 17.03 20.54
C LEU D 79 3.38 15.92 19.63
N VAL D 80 2.84 15.83 18.42
CA VAL D 80 3.15 14.72 17.53
C VAL D 80 3.59 15.20 16.16
N ASP D 81 3.20 16.41 15.80
CA ASP D 81 3.66 16.99 14.54
C ASP D 81 3.46 18.50 14.47
N PHE D 82 4.17 19.14 13.55
CA PHE D 82 3.91 20.55 13.26
C PHE D 82 4.32 20.89 11.84
N SER D 83 4.00 22.11 11.41
CA SER D 83 4.31 22.54 10.06
C SER D 83 3.98 23.99 9.91
N TYR D 84 4.44 24.59 8.81
CA TYR D 84 4.05 25.96 8.50
C TYR D 84 2.62 25.98 8.01
N ASN D 85 1.87 26.97 8.48
CA ASN D 85 0.46 27.04 8.21
C ASN D 85 0.12 27.94 7.04
N ALA D 86 0.18 27.37 5.83
CA ALA D 86 -0.24 28.07 4.63
C ALA D 86 -1.73 28.41 4.67
N PRO D 87 -2.07 29.70 4.79
CA PRO D 87 -3.49 30.06 4.74
C PRO D 87 -3.98 30.01 3.29
N VAL D 105 9.24 43.99 8.82
CA VAL D 105 9.72 43.10 7.77
C VAL D 105 10.30 41.80 8.33
N VAL D 106 10.87 41.86 9.54
CA VAL D 106 11.51 40.69 10.13
C VAL D 106 10.45 39.70 10.64
N SER D 107 10.81 38.95 11.68
CA SER D 107 9.92 37.93 12.21
C SER D 107 9.95 37.85 13.73
N GLN D 108 8.85 38.33 14.31
CA GLN D 108 8.36 38.06 15.67
C GLN D 108 7.42 39.17 16.12
N TYR D 109 6.14 38.83 16.20
CA TYR D 109 5.04 39.77 16.44
C TYR D 109 5.19 41.13 15.72
N ASN D 110 4.94 41.17 14.40
CA ASN D 110 4.37 40.08 13.58
C ASN D 110 5.11 38.72 13.55
N PRO D 111 4.36 37.64 13.84
CA PRO D 111 4.93 36.31 14.01
C PRO D 111 4.47 35.38 12.90
N SER D 112 4.90 34.14 12.98
CA SER D 112 4.72 33.17 11.91
C SER D 112 3.59 32.20 12.20
N PRO D 113 2.65 32.03 11.25
CA PRO D 113 1.48 31.17 11.46
C PRO D 113 1.89 29.71 11.44
N ILE D 114 1.89 29.07 12.61
CA ILE D 114 2.35 27.69 12.69
C ILE D 114 1.13 26.79 12.96
N LYS D 115 1.29 25.50 12.72
CA LYS D 115 0.23 24.56 13.00
C LYS D 115 0.79 23.36 13.75
N MET D 116 0.35 23.16 14.99
CA MET D 116 0.83 22.05 15.80
C MET D 116 -0.21 20.93 15.98
N ILE D 117 0.23 19.68 15.98
CA ILE D 117 -0.69 18.56 16.16
C ILE D 117 -0.47 17.94 17.53
N TYR D 118 -1.55 17.77 18.29
CA TYR D 118 -1.48 17.15 19.60
C TYR D 118 -2.33 15.86 19.68
N GLU D 119 -1.81 14.87 20.39
CA GLU D 119 -2.52 13.64 20.64
C GLU D 119 -2.90 13.59 22.10
N LEU D 120 -4.19 13.80 22.36
CA LEU D 120 -4.83 13.73 23.68
C LEU D 120 -5.28 12.29 23.91
N SER D 121 -4.77 11.62 24.94
CA SER D 121 -5.00 10.18 25.09
C SER D 121 -5.56 9.79 26.43
N ILE D 122 -6.80 9.34 26.42
CA ILE D 122 -7.53 9.01 27.64
C ILE D 122 -7.48 7.54 27.95
N PHE D 123 -7.14 7.23 29.20
CA PHE D 123 -7.01 5.86 29.63
C PHE D 123 -7.93 5.67 30.79
N THR D 124 -8.59 4.53 30.82
CA THR D 124 -9.77 4.37 31.66
C THR D 124 -9.96 2.91 32.06
N ARG D 125 -10.46 2.65 33.28
CA ARG D 125 -10.83 1.26 33.60
C ARG D 125 -12.23 0.89 33.09
N TYR D 126 -13.16 1.84 33.14
CA TYR D 126 -14.54 1.58 32.76
C TYR D 126 -15.06 2.41 31.59
N GLU D 127 -15.73 1.76 30.64
CA GLU D 127 -16.45 2.46 29.59
C GLU D 127 -17.20 3.72 30.09
N ASP D 128 -17.81 3.62 31.28
CA ASP D 128 -18.58 4.71 31.89
C ASP D 128 -17.70 5.94 32.02
N ASP D 129 -16.61 5.78 32.76
CA ASP D 129 -15.63 6.86 32.92
C ASP D 129 -15.27 7.54 31.59
N MET D 130 -14.94 6.70 30.59
CA MET D 130 -14.63 7.20 29.25
C MET D 130 -15.75 8.06 28.68
N PHE D 131 -16.99 7.55 28.73
CA PHE D 131 -18.14 8.29 28.25
C PHE D 131 -18.22 9.65 28.91
N GLN D 132 -18.07 9.70 30.24
CA GLN D 132 -18.19 10.96 30.95
C GLN D 132 -17.13 11.94 30.44
N ILE D 133 -15.89 11.46 30.43
CA ILE D 133 -14.76 12.29 30.03
C ILE D 133 -14.97 12.92 28.65
N VAL D 134 -15.16 12.07 27.64
CA VAL D 134 -15.33 12.58 26.29
C VAL D 134 -16.57 13.44 26.16
N GLU D 135 -17.66 13.08 26.81
CA GLU D 135 -18.84 13.92 26.72
C GLU D 135 -18.56 15.31 27.25
N GLN D 136 -17.57 15.44 28.14
CA GLN D 136 -17.10 16.77 28.53
C GLN D 136 -16.18 17.42 27.50
N ILE D 137 -15.44 16.65 26.72
CA ILE D 137 -14.59 17.26 25.69
C ILE D 137 -15.28 17.56 24.34
N LEU D 138 -15.68 16.48 23.67
CA LEU D 138 -16.24 16.47 22.32
C LEU D 138 -17.24 17.56 21.90
N PRO D 139 -18.20 17.91 22.76
CA PRO D 139 -19.24 18.77 22.18
C PRO D 139 -18.77 20.19 21.84
N TYR D 140 -17.59 20.59 22.34
CA TYR D 140 -17.10 21.97 22.12
C TYR D 140 -16.36 22.16 20.79
N PHE D 141 -16.14 21.07 20.06
CA PHE D 141 -15.36 21.12 18.82
C PHE D 141 -16.22 20.83 17.59
N GLN D 142 -16.64 21.90 16.90
CA GLN D 142 -17.61 21.74 15.82
C GLN D 142 -17.20 22.25 14.42
N PRO D 143 -16.16 21.64 13.82
CA PRO D 143 -15.26 20.64 14.40
C PRO D 143 -14.18 21.39 15.19
N HIS D 144 -14.25 22.72 15.11
CA HIS D 144 -13.24 23.56 15.73
C HIS D 144 -13.75 24.16 17.03
N PHE D 145 -12.87 24.91 17.69
CA PHE D 145 -13.14 25.60 18.91
C PHE D 145 -12.19 26.75 18.92
N ASN D 146 -12.70 27.98 19.01
CA ASN D 146 -11.83 29.16 19.04
C ASN D 146 -11.47 29.59 20.45
N THR D 147 -10.27 30.10 20.61
CA THR D 147 -9.90 30.77 21.85
C THR D 147 -9.06 32.01 21.55
N THR D 148 -9.30 33.08 22.30
CA THR D 148 -8.51 34.28 22.15
C THR D 148 -7.49 34.30 23.28
N MET D 149 -6.22 34.26 22.91
CA MET D 149 -5.15 34.22 23.90
C MET D 149 -4.47 35.56 23.96
N TYR D 150 -4.38 36.14 25.16
CA TYR D 150 -3.69 37.41 25.34
C TYR D 150 -2.34 37.18 26.00
N GLU D 151 -1.29 37.49 25.27
CA GLU D 151 0.05 37.33 25.85
C GLU D 151 0.74 38.67 25.95
N GLN D 152 1.14 39.01 27.17
CA GLN D 152 1.70 40.31 27.43
C GLN D 152 3.13 40.22 27.91
N PHE D 153 3.99 41.01 27.29
CA PHE D 153 5.40 41.03 27.61
C PHE D 153 5.72 42.12 28.61
N GLY D 154 6.11 41.74 29.83
CA GLY D 154 6.39 42.72 30.85
C GLY D 154 5.15 43.57 31.12
N ASN D 155 5.11 44.74 30.51
CA ASN D 155 3.97 45.64 30.75
C ASN D 155 3.43 46.35 29.51
N ASP D 156 3.93 45.97 28.33
CA ASP D 156 3.45 46.56 27.09
C ASP D 156 1.98 46.19 26.91
N ILE D 157 1.33 46.84 25.96
CA ILE D 157 0.00 46.41 25.56
C ILE D 157 0.09 44.96 25.11
N PRO D 158 -0.79 44.09 25.65
CA PRO D 158 -0.72 42.67 25.35
C PRO D 158 -0.96 42.40 23.87
N PHE D 159 -0.42 41.30 23.37
CA PHE D 159 -0.74 40.83 22.03
C PHE D 159 -1.97 39.95 22.05
N LYS D 160 -2.80 40.12 21.03
CA LYS D 160 -4.00 39.32 20.85
C LYS D 160 -3.72 38.26 19.81
N ARG D 161 -3.86 37.00 20.19
CA ARG D 161 -3.58 35.88 19.28
C ARG D 161 -4.83 35.00 19.13
N ASP D 162 -5.30 34.87 17.90
CA ASP D 162 -6.50 34.09 17.63
C ASP D 162 -6.15 32.63 17.35
N ILE D 163 -6.66 31.73 18.18
CA ILE D 163 -6.26 30.34 18.16
C ILE D 163 -7.43 29.44 17.81
N LYS D 164 -7.37 28.80 16.65
CA LYS D 164 -8.37 27.82 16.27
C LYS D 164 -7.82 26.44 16.61
N ILE D 165 -8.56 25.71 17.43
CA ILE D 165 -8.18 24.33 17.74
C ILE D 165 -9.19 23.40 17.09
N VAL D 166 -8.73 22.51 16.23
CA VAL D 166 -9.63 21.63 15.49
C VAL D 166 -9.47 20.16 15.88
N LEU D 167 -10.60 19.53 16.24
CA LEU D 167 -10.62 18.08 16.47
C LEU D 167 -10.57 17.31 15.16
N MET D 168 -9.44 16.66 14.92
CA MET D 168 -9.16 16.05 13.63
C MET D 168 -9.71 14.64 13.50
N SER D 169 -9.42 13.79 14.49
CA SER D 169 -9.82 12.39 14.43
C SER D 169 -9.97 11.81 15.82
N ALA D 170 -10.52 10.61 15.89
CA ALA D 170 -10.55 9.89 17.15
C ALA D 170 -10.08 8.50 16.85
N ALA D 171 -9.50 7.82 17.83
CA ALA D 171 -8.97 6.48 17.65
C ALA D 171 -9.28 5.63 18.84
N ILE D 172 -9.96 4.51 18.66
CA ILE D 172 -10.41 3.71 19.80
C ILE D 172 -9.69 2.35 19.91
N ASP D 173 -9.21 2.02 21.11
CA ASP D 173 -8.47 0.78 21.29
C ASP D 173 -8.62 0.19 22.71
N GLU D 174 -8.40 -1.13 22.84
CA GLU D 174 -8.42 -1.78 24.17
C GLU D 174 -7.08 -2.42 24.57
N ALA D 175 -7.03 -2.91 25.80
CA ALA D 175 -5.87 -3.66 26.30
C ALA D 175 -6.35 -4.58 27.42
N ILE D 176 -5.89 -5.82 27.43
CA ILE D 176 -6.47 -6.82 28.34
C ILE D 176 -5.43 -7.64 29.12
N ASP D 177 -5.81 -8.02 30.34
CA ASP D 177 -5.16 -9.08 31.11
C ASP D 177 -6.13 -9.63 32.16
N GLY D 178 -6.89 -10.65 31.77
CA GLY D 178 -7.89 -11.23 32.65
C GLY D 178 -9.29 -11.23 32.03
N ARG D 183 -9.16 -6.90 33.35
CA ARG D 183 -10.35 -6.41 32.66
C ARG D 183 -10.15 -5.96 31.18
N ARG D 184 -9.23 -5.03 30.87
CA ARG D 184 -8.32 -4.36 31.82
C ARG D 184 -8.28 -2.84 31.63
N ARG D 185 -8.00 -2.38 30.41
CA ARG D 185 -7.73 -0.95 30.19
C ARG D 185 -8.17 -0.36 28.83
N ILE D 186 -8.93 0.72 28.87
CA ILE D 186 -9.54 1.30 27.67
C ILE D 186 -8.80 2.55 27.28
N GLU D 187 -8.43 2.67 26.01
CA GLU D 187 -7.75 3.87 25.53
C GLU D 187 -8.46 4.51 24.35
N TRP D 188 -8.81 5.79 24.48
CA TRP D 188 -9.28 6.56 23.32
C TRP D 188 -8.32 7.71 23.05
N SER D 189 -7.96 7.96 21.80
CA SER D 189 -7.12 9.12 21.50
C SER D 189 -7.76 10.11 20.52
N LEU D 190 -7.92 11.35 20.99
CA LEU D 190 -8.34 12.46 20.13
C LEU D 190 -7.11 13.13 19.52
N THR D 191 -7.20 13.45 18.24
CA THR D 191 -6.12 14.21 17.62
C THR D 191 -6.54 15.63 17.28
N PHE D 192 -5.83 16.61 17.83
CA PHE D 192 -6.19 18.01 17.66
C PHE D 192 -5.17 18.80 16.86
N GLU D 193 -5.68 19.66 15.99
CA GLU D 193 -4.83 20.62 15.29
C GLU D 193 -4.98 21.99 15.93
N VAL D 194 -3.91 22.47 16.55
CA VAL D 194 -3.83 23.84 17.06
C VAL D 194 -3.23 24.76 16.00
N ASN D 195 -3.99 25.77 15.61
CA ASN D 195 -3.50 26.75 14.65
C ASN D 195 -2.99 27.97 15.39
N GLY D 196 -1.67 28.03 15.60
CA GLY D 196 -1.12 29.04 16.50
C GLY D 196 -0.07 29.93 15.90
N TRP D 197 0.73 30.54 16.76
CA TRP D 197 1.77 31.46 16.31
C TRP D 197 3.12 31.18 16.92
N MET D 198 4.16 31.32 16.09
CA MET D 198 5.53 31.03 16.49
C MET D 198 6.44 32.25 16.23
N TYR D 199 7.48 32.41 17.04
CA TYR D 199 8.46 33.49 16.89
C TYR D 199 9.69 33.17 17.73
N PRO D 200 10.86 33.64 17.29
CA PRO D 200 12.14 33.32 17.91
C PRO D 200 12.21 33.70 19.40
N PRO D 201 12.91 32.87 20.20
CA PRO D 201 13.03 32.95 21.65
C PRO D 201 13.18 34.37 22.18
N VAL D 202 12.28 34.74 23.08
CA VAL D 202 12.36 36.01 23.80
C VAL D 202 12.83 35.70 25.22
N ASP D 203 14.05 36.11 25.56
CA ASP D 203 14.70 35.60 26.77
C ASP D 203 13.88 35.80 28.05
N ASP D 204 13.92 34.81 28.94
CA ASP D 204 13.27 34.92 30.24
C ASP D 204 13.79 36.15 30.97
N ALA D 205 15.09 36.39 30.85
CA ALA D 205 15.75 37.53 31.48
C ALA D 205 15.15 38.88 31.05
N GLU D 206 14.65 38.93 29.82
CA GLU D 206 14.05 40.15 29.27
C GLU D 206 12.58 40.32 29.69
N GLY D 207 12.15 39.56 30.69
CA GLY D 207 10.80 39.66 31.21
C GLY D 207 9.90 38.47 30.89
N LEU D 208 9.22 37.94 31.91
CA LEU D 208 8.33 36.78 31.72
C LEU D 208 7.02 37.18 31.05
N ILE D 209 6.45 36.25 30.30
CA ILE D 209 5.27 36.53 29.50
C ILE D 209 4.00 36.10 30.18
N ARG D 210 3.12 37.07 30.49
CA ARG D 210 1.83 36.81 31.13
C ARG D 210 0.84 36.31 30.09
N THR D 211 0.14 35.21 30.37
CA THR D 211 -0.78 34.66 29.38
C THR D 211 -2.18 34.40 29.93
N THR D 212 -3.19 34.85 29.18
CA THR D 212 -4.59 34.55 29.48
C THR D 212 -5.23 33.93 28.25
N TYR D 213 -6.41 33.33 28.43
CA TYR D 213 -7.15 32.76 27.31
C TYR D 213 -8.62 32.52 27.67
N THR D 214 -9.45 32.39 26.65
CA THR D 214 -10.85 32.06 26.85
C THR D 214 -10.98 30.54 26.94
N ASP D 215 -11.61 30.05 28.01
CA ASP D 215 -11.80 28.60 28.11
C ASP D 215 -12.99 28.13 27.26
N PHE D 216 -13.48 26.92 27.54
CA PHE D 216 -14.53 26.30 26.74
C PHE D 216 -15.87 27.04 26.82
N HIS D 217 -16.05 27.81 27.90
CA HIS D 217 -17.24 28.65 28.07
C HIS D 217 -16.89 30.12 27.90
N ALA D 218 -15.93 30.43 27.04
CA ALA D 218 -15.52 31.80 26.79
C ALA D 218 -15.16 32.57 28.05
N ASN D 219 -14.71 31.87 29.10
CA ASN D 219 -14.27 32.53 30.34
C ASN D 219 -12.78 32.81 30.36
N THR D 220 -12.41 34.08 30.55
CA THR D 220 -11.00 34.42 30.54
C THR D 220 -10.29 33.90 31.78
N ARG D 221 -9.68 32.72 31.67
CA ARG D 221 -8.78 32.22 32.70
C ARG D 221 -7.36 32.67 32.37
N ASP D 222 -6.47 32.64 33.35
CA ASP D 222 -5.07 32.93 33.04
C ASP D 222 -4.24 31.66 33.05
N LEU D 223 -3.50 31.47 31.97
CA LEU D 223 -2.66 30.31 31.79
C LEU D 223 -1.66 30.15 32.92
N PRO D 224 -1.79 29.06 33.70
CA PRO D 224 -0.93 28.74 34.84
C PRO D 224 0.45 28.35 34.38
N ASP D 225 1.40 28.27 35.30
CA ASP D 225 2.69 27.69 34.99
C ASP D 225 2.53 26.25 34.57
N GLY D 226 3.54 25.70 33.92
CA GLY D 226 3.47 24.32 33.49
C GLY D 226 3.30 23.36 34.65
N GLU D 227 4.02 23.63 35.75
CA GLU D 227 4.00 22.75 36.91
C GLU D 227 2.62 22.72 37.56
N GLY D 228 1.83 23.76 37.31
CA GLY D 228 0.48 23.84 37.81
C GLY D 228 -0.47 22.91 37.10
N VAL D 229 -0.29 22.75 35.79
CA VAL D 229 -1.20 21.97 34.95
C VAL D 229 -0.94 20.46 34.95
N PHE D 230 0.27 20.08 34.57
CA PHE D 230 0.60 18.68 34.36
C PHE D 230 1.15 18.00 35.61
N GLU D 231 0.62 16.82 35.91
CA GLU D 231 1.24 15.99 36.92
C GLU D 231 2.57 15.50 36.35
N SER D 232 3.57 15.32 37.21
CA SER D 232 4.88 14.87 36.74
C SER D 232 4.80 13.40 36.44
N VAL D 233 5.17 13.03 35.22
CA VAL D 233 5.23 11.63 34.85
C VAL D 233 6.48 11.01 35.49
N ASP D 234 7.38 11.86 35.97
CA ASP D 234 8.61 11.41 36.63
C ASP D 234 8.43 11.33 38.13
N GLY E 3 -24.45 3.90 39.84
CA GLY E 3 -23.09 3.48 39.59
C GLY E 3 -22.73 3.59 38.12
N TYR E 4 -23.29 4.60 37.47
CA TYR E 4 -22.85 5.01 36.14
C TYR E 4 -23.49 6.33 35.78
N PHE E 5 -23.05 6.90 34.66
CA PHE E 5 -23.67 8.12 34.16
C PHE E 5 -24.86 7.71 33.29
N TYR E 6 -26.03 7.65 33.90
CA TYR E 6 -27.26 7.24 33.24
C TYR E 6 -27.59 8.11 32.04
N ASN E 7 -27.39 9.41 32.16
CA ASN E 7 -27.73 10.33 31.08
C ASN E 7 -26.66 10.45 29.98
N SER E 8 -25.66 9.58 30.03
CA SER E 8 -24.64 9.54 29.00
C SER E 8 -25.24 9.45 27.60
N SER E 9 -24.94 10.44 26.74
CA SER E 9 -25.35 10.38 25.33
C SER E 9 -24.87 9.09 24.65
N PHE E 10 -23.57 8.84 24.76
CA PHE E 10 -22.97 7.61 24.27
C PHE E 10 -23.76 6.39 24.70
N ARG E 11 -23.87 6.21 26.01
CA ARG E 11 -24.66 5.11 26.55
C ARG E 11 -26.02 5.01 25.91
N ARG E 12 -26.72 6.13 25.75
CA ARG E 12 -28.05 6.12 25.12
C ARG E 12 -27.99 5.52 23.70
N TYR E 13 -26.96 5.87 22.94
CA TYR E 13 -26.83 5.26 21.62
C TYR E 13 -26.46 3.79 21.65
N ALA E 14 -25.57 3.38 22.55
CA ALA E 14 -25.22 1.97 22.65
C ALA E 14 -26.45 1.17 22.99
N THR E 15 -27.29 1.73 23.86
CA THR E 15 -28.50 1.06 24.22
C THR E 15 -29.50 1.03 23.07
N LEU E 16 -29.70 2.15 22.40
CA LEU E 16 -30.60 2.20 21.25
C LEU E 16 -30.25 1.14 20.21
N MET E 17 -28.99 1.12 19.83
CA MET E 17 -28.53 0.12 18.85
C MET E 17 -28.68 -1.29 19.40
N GLY E 18 -28.28 -1.49 20.65
CA GLY E 18 -28.42 -2.81 21.25
C GLY E 18 -29.85 -3.30 21.20
N ASP E 19 -30.78 -2.38 21.43
CA ASP E 19 -32.19 -2.71 21.59
C ASP E 19 -32.88 -2.92 20.24
N LEU E 20 -32.41 -2.25 19.19
CA LEU E 20 -32.93 -2.57 17.88
C LEU E 20 -32.66 -4.03 17.56
N PHE E 21 -31.48 -4.49 17.95
CA PHE E 21 -31.08 -5.87 17.70
C PHE E 21 -31.24 -6.77 18.92
N SER E 22 -32.02 -6.34 19.90
CA SER E 22 -32.13 -7.07 21.15
C SER E 22 -33.06 -8.27 21.05
N ASN E 23 -34.05 -8.16 20.17
CA ASN E 23 -35.13 -9.13 20.11
C ASN E 23 -35.12 -9.87 18.78
N ILE E 24 -34.03 -10.58 18.50
CA ILE E 24 -33.91 -11.39 17.29
C ILE E 24 -33.91 -12.86 17.67
N GLN E 25 -34.75 -13.67 17.02
CA GLN E 25 -34.78 -15.08 17.36
C GLN E 25 -34.44 -15.95 16.19
N ILE E 26 -34.17 -17.21 16.48
CA ILE E 26 -34.00 -18.21 15.42
C ILE E 26 -34.82 -19.47 15.71
N LYS E 27 -35.41 -20.03 14.66
CA LYS E 27 -36.20 -21.24 14.78
C LYS E 27 -35.26 -22.43 14.81
N ARG E 28 -35.71 -23.53 15.41
CA ARG E 28 -34.85 -24.67 15.67
C ARG E 28 -35.73 -25.91 15.81
N GLN E 29 -36.08 -26.54 14.68
CA GLN E 29 -37.06 -27.64 14.64
C GLN E 29 -36.75 -28.82 15.59
N LEU E 30 -37.78 -29.25 16.32
CA LEU E 30 -37.63 -30.35 17.27
C LEU E 30 -38.60 -31.47 16.96
N GLU E 31 -38.41 -32.60 17.62
CA GLU E 31 -39.32 -33.72 17.50
C GLU E 31 -40.68 -33.31 18.07
N SER E 32 -40.66 -32.75 19.29
CA SER E 32 -41.89 -32.23 19.87
C SER E 32 -42.44 -31.11 18.99
N GLY E 33 -41.59 -30.14 18.68
CA GLY E 33 -41.98 -29.02 17.82
C GLY E 33 -41.06 -27.82 17.92
N ASP E 34 -41.19 -26.93 16.94
CA ASP E 34 -40.32 -25.76 16.73
C ASP E 34 -40.02 -24.86 17.94
N LYS E 35 -38.79 -24.91 18.45
CA LYS E 35 -38.36 -24.02 19.52
C LYS E 35 -37.71 -22.73 18.99
N PHE E 36 -38.11 -21.58 19.48
CA PHE E 36 -37.47 -20.35 19.04
C PHE E 36 -36.52 -19.93 20.13
N ILE E 37 -35.31 -19.50 19.79
CA ILE E 37 -34.40 -18.97 20.82
C ILE E 37 -33.97 -17.54 20.50
N ARG E 38 -34.00 -16.68 21.50
CA ARG E 38 -33.58 -15.28 21.35
C ARG E 38 -32.08 -15.25 21.39
N VAL E 39 -31.49 -14.56 20.42
CA VAL E 39 -30.05 -14.32 20.38
C VAL E 39 -29.66 -13.24 21.39
N PRO E 40 -28.89 -13.62 22.43
CA PRO E 40 -28.38 -12.72 23.46
C PRO E 40 -27.35 -11.76 22.89
N ILE E 41 -27.31 -10.54 23.40
CA ILE E 41 -26.48 -9.51 22.82
C ILE E 41 -25.65 -8.84 23.91
N THR E 42 -24.37 -8.61 23.62
CA THR E 42 -23.42 -8.04 24.57
C THR E 42 -22.78 -6.78 23.99
N TYR E 43 -22.28 -5.93 24.89
CA TYR E 43 -21.54 -4.74 24.50
C TYR E 43 -20.17 -4.79 25.12
N ALA E 44 -19.18 -4.99 24.28
CA ALA E 44 -17.82 -5.18 24.74
C ALA E 44 -16.94 -5.07 23.53
N SER E 45 -15.69 -4.71 23.75
CA SER E 45 -14.69 -4.68 22.69
C SER E 45 -14.66 -6.06 22.06
N LYS E 46 -14.44 -6.12 20.75
CA LYS E 46 -14.55 -7.40 20.06
C LYS E 46 -13.51 -8.39 20.56
N GLU E 47 -12.30 -7.89 20.78
CA GLU E 47 -11.22 -8.74 21.25
C GLU E 47 -11.59 -9.37 22.59
N HIS E 48 -12.04 -8.54 23.51
CA HIS E 48 -12.46 -8.99 24.84
C HIS E 48 -13.52 -10.08 24.74
N PHE E 49 -14.51 -9.80 23.90
CA PHE E 49 -15.62 -10.73 23.69
C PHE E 49 -15.12 -12.08 23.16
N MET E 50 -14.21 -12.06 22.19
CA MET E 50 -13.67 -13.31 21.63
C MET E 50 -12.83 -14.09 22.64
N MET E 51 -12.03 -13.37 23.43
CA MET E 51 -11.33 -13.95 24.56
C MET E 51 -12.30 -14.73 25.44
N LYS E 52 -13.26 -14.01 26.01
CA LYS E 52 -14.23 -14.63 26.90
C LYS E 52 -15.00 -15.77 26.20
N LEU E 53 -15.23 -15.62 24.91
CA LEU E 53 -15.98 -16.61 24.15
C LEU E 53 -15.17 -17.91 24.02
N ASN E 54 -13.86 -17.79 23.80
CA ASN E 54 -12.99 -18.96 23.79
C ASN E 54 -12.86 -19.58 25.19
N LYS E 55 -12.95 -18.75 26.22
CA LYS E 55 -12.98 -19.26 27.58
C LYS E 55 -14.24 -20.13 27.77
N TRP E 56 -15.40 -19.55 27.47
CA TRP E 56 -16.71 -20.21 27.61
C TRP E 56 -16.78 -21.48 26.74
N THR E 57 -16.09 -21.46 25.60
CA THR E 57 -16.23 -22.50 24.61
C THR E 57 -15.35 -23.72 24.90
N SER E 58 -14.34 -23.53 25.76
CA SER E 58 -13.49 -24.64 26.18
C SER E 58 -14.32 -25.77 26.81
N ILE E 59 -14.35 -26.90 26.12
CA ILE E 59 -15.21 -28.02 26.47
C ILE E 59 -14.74 -28.75 27.74
N VAL E 65 -18.06 -29.75 27.47
CA VAL E 65 -18.74 -30.57 26.46
C VAL E 65 -20.26 -30.49 26.59
N ALA E 66 -20.91 -30.05 25.51
CA ALA E 66 -22.36 -29.91 25.42
C ALA E 66 -22.98 -28.73 26.19
N LYS E 67 -22.15 -27.86 26.74
CA LYS E 67 -22.56 -26.47 26.98
C LYS E 67 -21.68 -25.62 26.08
N VAL E 68 -21.60 -26.04 24.82
CA VAL E 68 -20.96 -25.23 23.81
C VAL E 68 -22.06 -24.84 22.84
N GLU E 69 -23.21 -25.51 22.95
CA GLU E 69 -24.27 -25.11 22.04
C GLU E 69 -25.33 -24.20 22.62
N THR E 70 -25.20 -23.92 23.91
CA THR E 70 -26.08 -22.96 24.54
C THR E 70 -25.46 -21.58 24.50
N ILE E 71 -24.21 -21.51 24.04
CA ILE E 71 -23.47 -20.25 24.04
C ILE E 71 -23.67 -19.50 22.75
N LEU E 72 -23.64 -20.25 21.67
CA LEU E 72 -23.93 -19.67 20.39
C LEU E 72 -25.32 -20.01 19.84
N PRO E 73 -26.08 -18.98 19.43
CA PRO E 73 -25.54 -18.00 18.50
C PRO E 73 -25.53 -16.80 19.43
N ARG E 74 -24.70 -15.80 19.16
CA ARG E 74 -24.81 -14.57 19.93
C ARG E 74 -24.24 -13.39 19.18
N ILE E 75 -24.70 -12.22 19.55
CA ILE E 75 -24.32 -11.00 18.88
C ILE E 75 -23.53 -10.19 19.87
N ASN E 76 -22.49 -9.52 19.36
CA ASN E 76 -21.71 -8.59 20.16
C ASN E 76 -21.63 -7.24 19.46
N LEU E 77 -22.09 -6.18 20.12
CA LEU E 77 -22.12 -4.85 19.54
C LEU E 77 -20.99 -4.05 20.14
N HIS E 78 -20.37 -3.14 19.38
CA HIS E 78 -19.42 -2.24 20.03
C HIS E 78 -19.08 -0.98 19.21
N LEU E 79 -18.84 0.15 19.90
CA LEU E 79 -18.47 1.37 19.21
C LEU E 79 -17.00 1.27 18.78
N VAL E 80 -16.70 1.76 17.58
CA VAL E 80 -15.38 1.56 16.96
C VAL E 80 -14.80 2.86 16.44
N ASP E 81 -15.68 3.83 16.21
CA ASP E 81 -15.23 5.16 15.79
C ASP E 81 -16.30 6.24 15.92
N PHE E 82 -15.89 7.50 15.94
CA PHE E 82 -16.82 8.61 15.83
C PHE E 82 -16.13 9.83 15.25
N SER E 83 -16.91 10.87 14.96
CA SER E 83 -16.36 12.11 14.39
C SER E 83 -17.46 13.13 14.34
N TYR E 84 -17.07 14.37 14.05
CA TYR E 84 -18.06 15.42 13.84
C TYR E 84 -18.71 15.22 12.48
N ASN E 85 -20.01 15.43 12.45
CA ASN E 85 -20.79 15.15 11.26
C ASN E 85 -21.04 16.42 10.46
N ALA E 86 -20.05 16.84 9.67
CA ALA E 86 -20.24 17.95 8.73
C ALA E 86 -21.33 17.61 7.71
N PRO E 87 -22.44 18.37 7.74
CA PRO E 87 -23.54 18.15 6.79
C PRO E 87 -23.19 18.71 5.40
N VAL E 105 -26.83 30.03 20.98
CA VAL E 105 -25.45 30.24 20.59
C VAL E 105 -24.53 29.14 21.16
N VAL E 106 -24.81 28.69 22.38
CA VAL E 106 -23.99 27.68 23.06
C VAL E 106 -24.26 26.28 22.53
N SER E 107 -23.85 25.27 23.30
CA SER E 107 -23.92 23.90 22.85
C SER E 107 -24.60 22.97 23.85
N GLN E 108 -25.86 22.66 23.54
CA GLN E 108 -26.66 21.51 24.02
C GLN E 108 -28.15 21.80 23.85
N TYR E 109 -28.79 21.05 22.94
CA TYR E 109 -30.17 21.25 22.48
C TYR E 109 -30.54 22.73 22.40
N ASN E 110 -30.05 23.45 21.38
CA ASN E 110 -29.38 22.90 20.18
C ASN E 110 -28.03 22.16 20.39
N PRO E 111 -27.96 20.91 19.90
CA PRO E 111 -26.82 20.03 20.16
C PRO E 111 -25.98 19.85 18.92
N SER E 112 -24.95 19.02 19.03
CA SER E 112 -23.92 18.91 18.01
C SER E 112 -24.12 17.63 17.20
N PRO E 113 -24.12 17.76 15.87
CA PRO E 113 -24.34 16.59 15.00
C PRO E 113 -23.12 15.68 14.98
N ILE E 114 -23.25 14.51 15.58
CA ILE E 114 -22.13 13.61 15.71
C ILE E 114 -22.42 12.38 14.88
N LYS E 115 -21.37 11.63 14.57
CA LYS E 115 -21.50 10.41 13.80
C LYS E 115 -20.70 9.28 14.46
N MET E 116 -21.42 8.26 14.95
CA MET E 116 -20.79 7.11 15.60
C MET E 116 -20.78 5.85 14.73
N ILE E 117 -19.70 5.09 14.80
CA ILE E 117 -19.60 3.84 14.04
C ILE E 117 -19.70 2.64 15.00
N TYR E 118 -20.55 1.68 14.65
CA TYR E 118 -20.75 0.51 15.49
C TYR E 118 -20.45 -0.75 14.69
N GLU E 119 -19.79 -1.71 15.34
CA GLU E 119 -19.54 -3.01 14.76
C GLU E 119 -20.41 -4.06 15.46
N LEU E 120 -21.46 -4.48 14.74
CA LEU E 120 -22.37 -5.55 15.14
C LEU E 120 -21.81 -6.90 14.66
N SER E 121 -21.55 -7.81 15.58
CA SER E 121 -20.81 -9.02 15.24
C SER E 121 -21.52 -10.29 15.66
N ILE E 122 -21.98 -11.04 14.66
CA ILE E 122 -22.75 -12.25 14.87
C ILE E 122 -21.89 -13.49 14.82
N PHE E 123 -22.04 -14.33 15.84
CA PHE E 123 -21.27 -15.56 15.96
C PHE E 123 -22.24 -16.70 16.03
N THR E 124 -21.92 -17.78 15.35
CA THR E 124 -22.91 -18.79 15.02
C THR E 124 -22.25 -20.15 14.83
N ARG E 125 -22.91 -21.23 15.27
CA ARG E 125 -22.37 -22.55 14.93
C ARG E 125 -22.73 -23.02 13.52
N TYR E 126 -23.95 -22.69 13.07
CA TYR E 126 -24.42 -23.12 11.76
C TYR E 126 -24.77 -22.01 10.79
N GLU E 127 -24.32 -22.15 9.55
CA GLU E 127 -24.73 -21.26 8.47
C GLU E 127 -26.22 -20.91 8.50
N ASP E 128 -27.09 -21.89 8.82
CA ASP E 128 -28.53 -21.72 8.90
C ASP E 128 -28.86 -20.60 9.86
N ASP E 129 -28.42 -20.76 11.10
CA ASP E 129 -28.62 -19.74 12.14
C ASP E 129 -28.24 -18.34 11.63
N MET E 130 -27.05 -18.24 11.04
CA MET E 130 -26.56 -16.98 10.50
C MET E 130 -27.53 -16.39 9.50
N PHE E 131 -27.99 -17.22 8.56
CA PHE E 131 -28.95 -16.80 7.55
C PHE E 131 -30.24 -16.22 8.17
N GLN E 132 -30.77 -16.92 9.16
CA GLN E 132 -31.98 -16.45 9.82
C GLN E 132 -31.75 -15.06 10.43
N ILE E 133 -30.68 -14.97 11.24
CA ILE E 133 -30.34 -13.74 11.93
C ILE E 133 -30.25 -12.57 10.95
N VAL E 134 -29.34 -12.67 9.99
CA VAL E 134 -29.14 -11.55 9.08
C VAL E 134 -30.40 -11.23 8.31
N GLU E 135 -31.12 -12.26 7.87
CA GLU E 135 -32.36 -12.02 7.12
C GLU E 135 -33.36 -11.21 7.96
N GLN E 136 -33.23 -11.29 9.27
CA GLN E 136 -34.00 -10.40 10.12
C GLN E 136 -33.38 -8.99 10.24
N ILE E 137 -32.07 -8.85 10.06
CA ILE E 137 -31.49 -7.49 10.12
C ILE E 137 -31.49 -6.71 8.78
N LEU E 138 -30.81 -7.29 7.80
CA LEU E 138 -30.48 -6.70 6.50
C LEU E 138 -31.58 -5.99 5.73
N PRO E 139 -32.79 -6.55 5.70
CA PRO E 139 -33.72 -5.93 4.74
C PRO E 139 -34.22 -4.54 5.16
N TYR E 140 -33.97 -4.14 6.40
CA TYR E 140 -34.46 -2.83 6.87
C TYR E 140 -33.53 -1.64 6.56
N PHE E 141 -32.34 -1.93 6.03
CA PHE E 141 -31.34 -0.89 5.79
C PHE E 141 -31.15 -0.68 4.31
N GLN E 142 -31.77 0.36 3.76
CA GLN E 142 -31.75 0.56 2.31
C GLN E 142 -31.17 1.89 1.76
N PRO E 143 -29.87 2.14 1.96
CA PRO E 143 -28.94 1.38 2.81
C PRO E 143 -29.10 1.87 4.25
N HIS E 144 -29.96 2.86 4.42
CA HIS E 144 -30.21 3.44 5.72
C HIS E 144 -31.50 2.94 6.33
N PHE E 145 -31.76 3.40 7.56
CA PHE E 145 -32.95 3.08 8.31
C PHE E 145 -33.15 4.25 9.24
N ASN E 146 -34.32 4.89 9.20
CA ASN E 146 -34.58 6.05 10.04
C ASN E 146 -35.27 5.66 11.33
N THR E 147 -34.95 6.37 12.41
CA THR E 147 -35.71 6.26 13.64
C THR E 147 -35.88 7.62 14.29
N THR E 148 -37.08 7.88 14.80
CA THR E 148 -37.31 9.12 15.51
C THR E 148 -37.22 8.82 16.99
N MET E 149 -36.26 9.44 17.66
CA MET E 149 -36.05 9.20 19.07
C MET E 149 -36.55 10.39 19.86
N TYR E 150 -37.42 10.12 20.84
CA TYR E 150 -37.92 11.19 21.71
C TYR E 150 -37.26 11.08 23.06
N GLU E 151 -36.48 12.10 23.40
CA GLU E 151 -35.85 12.11 24.71
C GLU E 151 -36.34 13.26 25.56
N GLN E 152 -36.93 12.93 26.71
CA GLN E 152 -37.54 13.93 27.57
C GLN E 152 -36.85 14.09 28.93
N PHE E 153 -36.57 15.35 29.28
CA PHE E 153 -35.86 15.63 30.51
C PHE E 153 -36.85 15.96 31.61
N GLY E 154 -36.92 15.11 32.62
CA GLY E 154 -37.85 15.32 33.72
C GLY E 154 -39.27 15.35 33.18
N ASN E 155 -39.79 16.55 32.97
CA ASN E 155 -41.16 16.69 32.49
C ASN E 155 -41.40 17.75 31.44
N ASP E 156 -40.32 18.36 30.95
CA ASP E 156 -40.42 19.31 29.84
C ASP E 156 -40.99 18.63 28.58
N ILE E 157 -41.33 19.44 27.59
CA ILE E 157 -41.68 18.90 26.29
C ILE E 157 -40.48 18.13 25.77
N PRO E 158 -40.71 16.88 25.34
CA PRO E 158 -39.60 16.04 24.90
C PRO E 158 -38.91 16.62 23.68
N PHE E 159 -37.62 16.30 23.52
CA PHE E 159 -36.89 16.65 22.32
C PHE E 159 -37.08 15.55 21.27
N LYS E 160 -37.23 15.99 20.03
CA LYS E 160 -37.33 15.11 18.88
C LYS E 160 -35.98 15.05 18.17
N ARG E 161 -35.41 13.85 18.08
CA ARG E 161 -34.10 13.66 17.46
C ARG E 161 -34.19 12.69 16.30
N ASP E 162 -33.81 13.15 15.11
CA ASP E 162 -33.91 12.32 13.91
C ASP E 162 -32.62 11.55 13.68
N ILE E 163 -32.74 10.22 13.69
CA ILE E 163 -31.57 9.36 13.70
C ILE E 163 -31.52 8.51 12.43
N LYS E 164 -30.52 8.75 11.60
CA LYS E 164 -30.30 7.92 10.43
C LYS E 164 -29.24 6.89 10.78
N ILE E 165 -29.59 5.62 10.66
CA ILE E 165 -28.61 4.56 10.86
C ILE E 165 -28.31 3.90 9.52
N VAL E 166 -27.05 3.93 9.09
CA VAL E 166 -26.69 3.41 7.77
C VAL E 166 -25.81 2.16 7.86
N LEU E 167 -26.22 1.09 7.16
CA LEU E 167 -25.42 -0.12 7.04
C LEU E 167 -24.30 0.12 6.04
N MET E 168 -23.08 0.19 6.56
CA MET E 168 -21.92 0.58 5.77
C MET E 168 -21.29 -0.57 5.02
N SER E 169 -21.04 -1.67 5.71
CA SER E 169 -20.30 -2.78 5.12
C SER E 169 -20.64 -4.07 5.83
N ALA E 170 -20.25 -5.19 5.22
CA ALA E 170 -20.34 -6.49 5.86
C ALA E 170 -18.98 -7.15 5.74
N ALA E 171 -18.65 -8.02 6.69
CA ALA E 171 -17.36 -8.72 6.69
C ALA E 171 -17.57 -10.16 7.09
N ILE E 172 -17.12 -11.10 6.26
CA ILE E 172 -17.41 -12.51 6.53
C ILE E 172 -16.15 -13.32 6.85
N ASP E 173 -16.20 -14.14 7.91
CA ASP E 173 -15.02 -14.88 8.33
C ASP E 173 -15.37 -16.19 9.05
N GLU E 174 -14.45 -17.15 9.06
CA GLU E 174 -14.64 -18.40 9.80
C GLU E 174 -13.60 -18.64 10.88
N ALA E 175 -13.79 -19.72 11.64
CA ALA E 175 -12.84 -20.15 12.65
C ALA E 175 -13.03 -21.65 12.90
N ILE E 176 -11.95 -22.40 12.99
CA ILE E 176 -12.06 -23.85 12.99
C ILE E 176 -11.25 -24.56 14.09
N ASP E 177 -11.79 -25.69 14.55
CA ASP E 177 -11.06 -26.70 15.32
C ASP E 177 -11.77 -28.05 15.21
N GLY E 178 -11.40 -28.83 14.20
CA GLY E 178 -12.01 -30.13 13.95
C GLY E 178 -12.54 -30.24 12.52
N ARG E 183 -15.95 -27.81 14.37
CA ARG E 183 -16.66 -27.45 13.14
C ARG E 183 -16.16 -26.18 12.40
N ARG E 184 -16.07 -25.01 13.04
CA ARG E 184 -16.40 -24.75 14.44
C ARG E 184 -17.28 -23.52 14.66
N ARG E 185 -16.86 -22.37 14.14
CA ARG E 185 -17.56 -21.11 14.46
C ARG E 185 -17.56 -20.04 13.36
N ILE E 186 -18.74 -19.53 13.05
CA ILE E 186 -18.92 -18.61 11.92
C ILE E 186 -19.11 -17.20 12.43
N GLU E 187 -18.39 -16.25 11.84
CA GLU E 187 -18.53 -14.85 12.25
C GLU E 187 -18.83 -13.92 11.09
N TRP E 188 -19.94 -13.19 11.20
CA TRP E 188 -20.22 -12.09 10.25
C TRP E 188 -20.28 -10.78 11.02
N SER E 189 -19.65 -9.73 10.48
CA SER E 189 -19.74 -8.43 11.12
C SER E 189 -20.34 -7.35 10.21
N LEU E 190 -21.46 -6.76 10.65
CA LEU E 190 -22.03 -5.57 10.02
C LEU E 190 -21.45 -4.30 10.63
N THR E 191 -21.12 -3.35 9.77
CA THR E 191 -20.67 -2.06 10.26
C THR E 191 -21.74 -1.00 10.02
N PHE E 192 -22.21 -0.36 11.09
CA PHE E 192 -23.24 0.65 10.98
C PHE E 192 -22.78 2.06 11.34
N GLU E 193 -23.25 3.03 10.56
CA GLU E 193 -23.05 4.43 10.89
C GLU E 193 -24.33 5.01 11.48
N VAL E 194 -24.26 5.40 12.75
CA VAL E 194 -25.35 6.10 13.42
C VAL E 194 -25.12 7.61 13.35
N ASN E 195 -26.05 8.32 12.73
CA ASN E 195 -25.97 9.77 12.64
C ASN E 195 -26.79 10.38 13.75
N GLY E 196 -26.12 10.76 14.84
CA GLY E 196 -26.84 11.17 16.03
C GLY E 196 -26.50 12.54 16.57
N TRP E 197 -26.81 12.74 17.84
CA TRP E 197 -26.59 14.04 18.46
C TRP E 197 -25.86 13.94 19.79
N MET E 198 -24.98 14.89 20.03
CA MET E 198 -24.17 14.90 21.23
C MET E 198 -24.36 16.24 21.95
N TYR E 199 -24.16 16.25 23.27
CA TYR E 199 -24.19 17.47 24.07
C TYR E 199 -23.63 17.18 25.46
N PRO E 200 -23.06 18.21 26.12
CA PRO E 200 -22.35 18.02 27.40
C PRO E 200 -23.24 17.42 28.49
N PRO E 201 -22.65 16.60 29.38
CA PRO E 201 -23.27 15.84 30.46
C PRO E 201 -24.34 16.62 31.15
N VAL E 202 -25.54 16.06 31.20
CA VAL E 202 -26.64 16.59 31.98
C VAL E 202 -26.80 15.68 33.19
N ASP E 203 -26.44 16.20 34.37
CA ASP E 203 -26.31 15.35 35.56
C ASP E 203 -27.52 14.47 35.86
N ASP E 204 -27.25 13.24 36.30
CA ASP E 204 -28.31 12.33 36.72
C ASP E 204 -29.16 12.97 37.82
N ALA E 205 -28.48 13.67 38.73
CA ALA E 205 -29.13 14.34 39.84
C ALA E 205 -30.15 15.37 39.37
N GLU E 206 -29.92 15.96 38.21
CA GLU E 206 -30.81 16.98 37.67
C GLU E 206 -32.00 16.36 36.93
N GLY E 207 -32.19 15.05 37.10
CA GLY E 207 -33.33 14.35 36.50
C GLY E 207 -32.98 13.36 35.40
N LEU E 208 -33.49 12.15 35.49
CA LEU E 208 -33.20 11.11 34.50
C LEU E 208 -33.94 11.35 33.18
N ILE E 209 -33.33 10.90 32.10
CA ILE E 209 -33.86 11.17 30.77
C ILE E 209 -34.68 10.01 30.22
N ARG E 210 -35.96 10.27 29.98
CA ARG E 210 -36.86 9.26 29.43
C ARG E 210 -36.68 9.16 27.93
N THR E 211 -36.51 7.95 27.39
CA THR E 211 -36.23 7.82 25.96
C THR E 211 -37.15 6.82 25.27
N THR E 212 -37.71 7.24 24.13
CA THR E 212 -38.49 6.35 23.27
C THR E 212 -37.91 6.41 21.86
N TYR E 213 -38.31 5.46 21.01
CA TYR E 213 -37.85 5.43 19.62
C TYR E 213 -38.73 4.54 18.75
N THR E 214 -38.67 4.74 17.45
CA THR E 214 -39.41 3.92 16.52
C THR E 214 -38.57 2.70 16.18
N ASP E 215 -39.09 1.48 16.36
CA ASP E 215 -38.30 0.31 16.00
C ASP E 215 -38.34 0.07 14.50
N PHE E 216 -37.97 -1.14 14.09
CA PHE E 216 -37.85 -1.49 12.66
C PHE E 216 -39.18 -1.47 11.91
N HIS E 217 -40.28 -1.62 12.62
CA HIS E 217 -41.61 -1.50 12.04
C HIS E 217 -42.29 -0.19 12.48
N ALA E 218 -41.50 0.86 12.68
CA ALA E 218 -42.03 2.16 13.10
C ALA E 218 -42.90 2.10 14.34
N ASN E 219 -42.66 1.12 15.21
CA ASN E 219 -43.39 1.03 16.48
C ASN E 219 -42.68 1.73 17.61
N THR E 220 -43.35 2.68 18.24
CA THR E 220 -42.75 3.43 19.33
C THR E 220 -42.53 2.57 20.58
N ARG E 221 -41.35 1.97 20.69
CA ARG E 221 -40.95 1.31 21.92
C ARG E 221 -40.24 2.32 22.81
N ASP E 222 -40.12 2.03 24.10
CA ASP E 222 -39.35 2.91 24.96
C ASP E 222 -38.04 2.26 25.33
N LEU E 223 -36.97 3.00 25.11
CA LEU E 223 -35.61 2.55 25.35
C LEU E 223 -35.41 2.11 26.80
N PRO E 224 -35.11 0.82 27.01
CA PRO E 224 -34.93 0.20 28.32
C PRO E 224 -33.65 0.68 28.95
N ASP E 225 -33.45 0.39 30.23
CA ASP E 225 -32.15 0.58 30.84
C ASP E 225 -31.12 -0.29 30.15
N GLY E 226 -29.86 0.03 30.34
CA GLY E 226 -28.80 -0.73 29.72
C GLY E 226 -28.81 -2.17 30.18
N GLU E 227 -29.04 -2.37 31.48
CA GLU E 227 -29.00 -3.70 32.06
C GLU E 227 -30.10 -4.59 31.49
N GLY E 228 -31.13 -3.95 30.95
CA GLY E 228 -32.23 -4.67 30.33
C GLY E 228 -31.86 -5.27 29.00
N VAL E 229 -31.07 -4.52 28.22
CA VAL E 229 -30.73 -4.91 26.86
C VAL E 229 -29.57 -5.91 26.74
N PHE E 230 -28.42 -5.53 27.29
CA PHE E 230 -27.21 -6.35 27.12
C PHE E 230 -27.00 -7.37 28.22
N GLU E 231 -26.76 -8.61 27.83
CA GLU E 231 -26.26 -9.60 28.77
C GLU E 231 -24.89 -9.13 29.26
N SER E 232 -24.57 -9.44 30.51
CA SER E 232 -23.27 -9.05 31.05
C SER E 232 -22.20 -9.98 30.49
N VAL E 233 -21.19 -9.40 29.86
CA VAL E 233 -20.06 -10.18 29.39
C VAL E 233 -19.19 -10.59 30.58
N ASP E 234 -19.43 -9.94 31.72
CA ASP E 234 -18.70 -10.24 32.95
C ASP E 234 -19.45 -11.25 33.82
N GLY F 3 -34.87 -29.40 9.22
CA GLY F 3 -33.91 -28.87 10.17
C GLY F 3 -33.07 -27.71 9.62
N TYR F 4 -33.74 -26.80 8.90
CA TYR F 4 -33.12 -25.60 8.36
C TYR F 4 -34.18 -24.66 7.81
N PHE F 5 -33.91 -23.37 7.86
CA PHE F 5 -34.86 -22.38 7.33
C PHE F 5 -34.95 -22.55 5.81
N TYR F 6 -35.92 -23.34 5.36
CA TYR F 6 -36.11 -23.65 3.94
C TYR F 6 -36.36 -22.39 3.12
N ASN F 7 -37.15 -21.47 3.66
CA ASN F 7 -37.46 -20.26 2.92
C ASN F 7 -36.39 -19.15 2.97
N SER F 8 -35.22 -19.48 3.49
CA SER F 8 -34.13 -18.52 3.57
C SER F 8 -33.82 -17.94 2.20
N SER F 9 -33.90 -16.63 2.05
CA SER F 9 -33.50 -15.96 0.81
C SER F 9 -32.05 -16.32 0.39
N PHE F 10 -31.13 -16.13 1.34
CA PHE F 10 -29.73 -16.50 1.16
C PHE F 10 -29.62 -17.91 0.62
N ARG F 11 -30.18 -18.87 1.34
CA ARG F 11 -30.16 -20.24 0.91
C ARG F 11 -30.65 -20.37 -0.53
N ARG F 12 -31.73 -19.68 -0.87
CA ARG F 12 -32.27 -19.75 -2.24
C ARG F 12 -31.24 -19.31 -3.26
N TYR F 13 -30.48 -18.26 -2.96
CA TYR F 13 -29.41 -17.85 -3.87
C TYR F 13 -28.23 -18.81 -3.92
N ALA F 14 -27.82 -19.36 -2.78
CA ALA F 14 -26.73 -20.34 -2.78
C ALA F 14 -27.12 -21.52 -3.62
N THR F 15 -28.38 -21.91 -3.52
CA THR F 15 -28.85 -23.03 -4.32
C THR F 15 -28.95 -22.68 -5.80
N LEU F 16 -29.55 -21.54 -6.14
CA LEU F 16 -29.61 -21.09 -7.54
C LEU F 16 -28.24 -21.09 -8.20
N MET F 17 -27.26 -20.48 -7.54
CA MET F 17 -25.90 -20.44 -8.07
C MET F 17 -25.29 -21.82 -8.15
N GLY F 18 -25.45 -22.62 -7.09
CA GLY F 18 -24.98 -23.98 -7.12
C GLY F 18 -25.54 -24.78 -8.29
N ASP F 19 -26.81 -24.57 -8.58
CA ASP F 19 -27.53 -25.35 -9.57
C ASP F 19 -27.20 -24.91 -11.00
N LEU F 20 -26.87 -23.63 -11.18
CA LEU F 20 -26.40 -23.21 -12.49
C LEU F 20 -25.13 -23.98 -12.86
N PHE F 21 -24.29 -24.18 -11.85
CA PHE F 21 -23.03 -24.89 -12.06
C PHE F 21 -23.09 -26.34 -11.58
N SER F 22 -24.29 -26.87 -11.38
CA SER F 22 -24.44 -28.21 -10.82
C SER F 22 -24.16 -29.32 -11.83
N ASN F 23 -24.47 -29.05 -13.10
CA ASN F 23 -24.49 -30.07 -14.13
C ASN F 23 -23.44 -29.81 -15.18
N ILE F 24 -22.17 -29.76 -14.77
CA ILE F 24 -21.02 -29.59 -15.69
C ILE F 24 -20.22 -30.88 -15.80
N GLN F 25 -19.97 -31.35 -17.01
CA GLN F 25 -19.17 -32.57 -17.10
C GLN F 25 -17.89 -32.37 -17.86
N ILE F 26 -17.01 -33.35 -17.73
CA ILE F 26 -15.78 -33.38 -18.52
C ILE F 26 -15.61 -34.74 -19.21
N LYS F 27 -15.18 -34.69 -20.46
CA LYS F 27 -14.89 -35.90 -21.23
C LYS F 27 -13.52 -36.47 -20.81
N ARG F 28 -13.34 -37.77 -20.97
CA ARG F 28 -12.16 -38.44 -20.46
C ARG F 28 -11.92 -39.71 -21.29
N GLN F 29 -11.15 -39.57 -22.37
CA GLN F 29 -10.91 -40.64 -23.36
C GLN F 29 -10.33 -41.96 -22.81
N LEU F 30 -10.96 -43.06 -23.18
CA LEU F 30 -10.57 -44.34 -22.66
C LEU F 30 -10.25 -45.25 -23.82
N GLU F 31 -9.79 -46.45 -23.50
CA GLU F 31 -9.55 -47.47 -24.50
C GLU F 31 -10.92 -47.92 -24.96
N SER F 32 -11.72 -48.36 -24.00
CA SER F 32 -13.09 -48.78 -24.27
C SER F 32 -13.80 -47.63 -24.98
N GLY F 33 -13.75 -46.44 -24.38
CA GLY F 33 -14.35 -45.27 -24.99
C GLY F 33 -14.53 -44.11 -24.04
N ASP F 34 -14.83 -42.94 -24.58
CA ASP F 34 -15.03 -41.70 -23.82
C ASP F 34 -15.81 -41.88 -22.50
N LYS F 35 -15.25 -41.36 -21.42
CA LYS F 35 -15.93 -41.35 -20.14
C LYS F 35 -16.31 -39.93 -19.75
N PHE F 36 -17.59 -39.68 -19.50
CA PHE F 36 -18.00 -38.38 -19.03
C PHE F 36 -18.12 -38.46 -17.54
N ILE F 37 -17.64 -37.42 -16.85
CA ILE F 37 -17.88 -37.31 -15.39
C ILE F 37 -18.40 -35.95 -14.96
N ARG F 38 -19.45 -35.98 -14.14
CA ARG F 38 -20.06 -34.75 -13.61
C ARG F 38 -19.17 -34.26 -12.50
N VAL F 39 -18.83 -32.97 -12.56
CA VAL F 39 -18.09 -32.29 -11.52
C VAL F 39 -19.02 -32.03 -10.33
N PRO F 40 -18.73 -32.66 -9.18
CA PRO F 40 -19.45 -32.47 -7.93
C PRO F 40 -19.19 -31.09 -7.34
N ILE F 41 -20.20 -30.51 -6.70
CA ILE F 41 -20.09 -29.14 -6.27
C ILE F 41 -20.50 -29.05 -4.78
N THR F 42 -19.73 -28.27 -4.01
CA THR F 42 -19.94 -28.13 -2.56
C THR F 42 -20.09 -26.66 -2.18
N TYR F 43 -20.76 -26.43 -1.04
CA TYR F 43 -20.92 -25.10 -0.50
C TYR F 43 -20.30 -25.04 0.89
N ALA F 44 -19.17 -24.38 0.98
CA ALA F 44 -18.44 -24.34 2.23
C ALA F 44 -17.42 -23.22 2.10
N SER F 45 -16.97 -22.69 3.24
CA SER F 45 -15.91 -21.69 3.24
C SER F 45 -14.72 -22.29 2.51
N LYS F 46 -14.01 -21.48 1.76
CA LYS F 46 -12.94 -22.02 0.94
C LYS F 46 -11.87 -22.70 1.81
N GLU F 47 -11.49 -22.05 2.91
CA GLU F 47 -10.49 -22.60 3.81
C GLU F 47 -10.90 -24.00 4.30
N HIS F 48 -12.14 -24.11 4.77
CA HIS F 48 -12.68 -25.37 5.26
C HIS F 48 -12.55 -26.42 4.16
N PHE F 49 -12.93 -26.02 2.95
CA PHE F 49 -12.95 -26.95 1.84
C PHE F 49 -11.54 -27.44 1.53
N MET F 50 -10.57 -26.53 1.59
CA MET F 50 -9.18 -26.90 1.29
C MET F 50 -8.60 -27.81 2.37
N MET F 51 -8.90 -27.52 3.63
CA MET F 51 -8.60 -28.42 4.72
C MET F 51 -9.09 -29.83 4.40
N LYS F 52 -10.40 -29.97 4.27
CA LYS F 52 -11.00 -31.29 4.03
C LYS F 52 -10.44 -31.92 2.75
N LEU F 53 -10.04 -31.08 1.80
CA LEU F 53 -9.52 -31.55 0.53
C LEU F 53 -8.13 -32.17 0.69
N ASN F 54 -7.31 -31.55 1.53
CA ASN F 54 -6.00 -32.12 1.86
C ASN F 54 -6.14 -33.36 2.75
N LYS F 55 -7.18 -33.41 3.57
CA LYS F 55 -7.49 -34.63 4.31
C LYS F 55 -7.77 -35.77 3.31
N TRP F 56 -8.74 -35.55 2.42
CA TRP F 56 -9.15 -36.53 1.40
C TRP F 56 -7.97 -36.91 0.49
N THR F 57 -7.03 -35.96 0.28
CA THR F 57 -5.89 -36.12 -0.64
C THR F 57 -4.73 -36.96 -0.10
N SER F 58 -4.61 -37.03 1.23
CA SER F 58 -3.54 -37.81 1.84
C SER F 58 -3.65 -39.30 1.47
N ILE F 59 -2.57 -39.81 0.86
CA ILE F 59 -2.54 -41.12 0.21
C ILE F 59 -2.85 -42.28 1.14
N VAL F 68 -5.80 -40.98 -6.10
CA VAL F 68 -6.61 -39.97 -5.44
C VAL F 68 -7.51 -39.27 -6.44
N GLU F 69 -7.73 -39.93 -7.58
CA GLU F 69 -8.22 -39.20 -8.75
C GLU F 69 -9.72 -39.23 -8.91
N THR F 70 -10.40 -39.80 -7.93
CA THR F 70 -11.84 -39.76 -7.92
C THR F 70 -12.33 -38.52 -7.18
N ILE F 71 -11.40 -37.80 -6.57
CA ILE F 71 -11.76 -36.64 -5.76
C ILE F 71 -11.80 -35.35 -6.58
N LEU F 72 -10.79 -35.16 -7.41
CA LEU F 72 -10.82 -34.08 -8.36
C LEU F 72 -11.31 -34.62 -9.71
N PRO F 73 -11.97 -33.78 -10.53
CA PRO F 73 -12.11 -32.32 -10.34
C PRO F 73 -13.28 -32.06 -9.48
N ARG F 74 -13.29 -30.92 -8.80
CA ARG F 74 -14.49 -30.48 -8.11
C ARG F 74 -14.57 -28.98 -7.95
N ILE F 75 -15.80 -28.53 -7.79
CA ILE F 75 -16.10 -27.12 -7.65
C ILE F 75 -16.58 -26.86 -6.22
N ASN F 76 -16.11 -25.74 -5.66
CA ASN F 76 -16.59 -25.28 -4.37
C ASN F 76 -17.11 -23.85 -4.46
N LEU F 77 -18.38 -23.65 -4.11
CA LEU F 77 -19.01 -22.34 -4.21
C LEU F 77 -19.11 -21.77 -2.82
N HIS F 78 -18.95 -20.45 -2.67
CA HIS F 78 -19.23 -19.85 -1.35
C HIS F 78 -19.50 -18.35 -1.35
N LEU F 79 -20.39 -17.88 -0.47
CA LEU F 79 -20.67 -16.44 -0.37
C LEU F 79 -19.52 -15.77 0.37
N VAL F 80 -19.09 -14.60 -0.13
CA VAL F 80 -17.91 -13.92 0.38
C VAL F 80 -18.20 -12.49 0.79
N ASP F 81 -19.26 -11.92 0.23
CA ASP F 81 -19.63 -10.56 0.58
C ASP F 81 -21.05 -10.21 0.14
N PHE F 82 -21.62 -9.18 0.75
CA PHE F 82 -22.87 -8.62 0.25
C PHE F 82 -22.98 -7.16 0.64
N SER F 83 -23.98 -6.48 0.08
CA SER F 83 -24.22 -5.07 0.39
C SER F 83 -25.56 -4.67 -0.14
N TYR F 84 -26.01 -3.47 0.24
CA TYR F 84 -27.21 -2.91 -0.39
C TYR F 84 -26.88 -2.44 -1.79
N ASN F 85 -27.81 -2.72 -2.71
CA ASN F 85 -27.58 -2.46 -4.12
C ASN F 85 -28.17 -1.13 -4.57
N ALA F 86 -27.38 -0.07 -4.40
CA ALA F 86 -27.76 1.28 -4.83
C ALA F 86 -27.80 1.38 -6.36
N PRO F 87 -29.01 1.50 -6.93
CA PRO F 87 -29.17 1.59 -8.38
C PRO F 87 -28.83 2.98 -8.91
N VAL F 105 -45.47 0.31 1.53
CA VAL F 105 -44.57 1.25 2.17
C VAL F 105 -43.47 0.54 2.97
N VAL F 106 -43.81 -0.65 3.47
CA VAL F 106 -42.94 -1.45 4.33
C VAL F 106 -42.08 -2.41 3.45
N SER F 107 -41.46 -3.43 4.03
CA SER F 107 -40.41 -4.18 3.34
C SER F 107 -40.59 -5.69 3.25
N GLN F 108 -41.31 -6.14 2.20
CA GLN F 108 -41.13 -7.47 1.59
C GLN F 108 -42.10 -7.70 0.42
N TYR F 109 -41.53 -7.96 -0.76
CA TYR F 109 -42.26 -7.98 -2.05
C TYR F 109 -43.42 -6.99 -2.17
N ASN F 110 -43.15 -5.69 -2.33
CA ASN F 110 -41.84 -5.10 -2.69
C ASN F 110 -40.66 -5.31 -1.72
N PRO F 111 -39.57 -5.92 -2.23
CA PRO F 111 -38.41 -6.33 -1.47
C PRO F 111 -37.21 -5.42 -1.72
N SER F 112 -36.09 -5.75 -1.09
CA SER F 112 -34.95 -4.87 -1.05
C SER F 112 -33.87 -5.36 -2.00
N PRO F 113 -33.39 -4.48 -2.90
CA PRO F 113 -32.38 -4.86 -3.88
C PRO F 113 -31.04 -5.10 -3.22
N ILE F 114 -30.63 -6.36 -3.16
CA ILE F 114 -29.40 -6.70 -2.48
C ILE F 114 -28.37 -7.16 -3.52
N LYS F 115 -27.11 -7.16 -3.13
CA LYS F 115 -26.06 -7.63 -4.01
C LYS F 115 -25.12 -8.60 -3.27
N MET F 116 -25.11 -9.85 -3.70
CA MET F 116 -24.26 -10.86 -3.08
C MET F 116 -23.03 -11.25 -3.93
N ILE F 117 -21.91 -11.49 -3.28
CA ILE F 117 -20.71 -11.88 -4.01
C ILE F 117 -20.39 -13.34 -3.72
N TYR F 118 -20.18 -14.13 -4.78
CA TYR F 118 -19.87 -15.55 -4.66
C TYR F 118 -18.50 -15.87 -5.25
N GLU F 119 -17.78 -16.75 -4.59
CA GLU F 119 -16.50 -17.24 -5.09
C GLU F 119 -16.65 -18.70 -5.49
N LEU F 120 -16.69 -18.92 -6.81
CA LEU F 120 -16.78 -20.24 -7.44
C LEU F 120 -15.35 -20.75 -7.67
N SER F 121 -15.01 -21.89 -7.08
CA SER F 121 -13.61 -22.31 -7.05
C SER F 121 -13.38 -23.70 -7.57
N ILE F 122 -12.73 -23.78 -8.73
CA ILE F 122 -12.53 -25.04 -9.43
C ILE F 122 -11.15 -25.61 -9.14
N PHE F 123 -11.13 -26.91 -8.81
CA PHE F 123 -9.91 -27.59 -8.45
C PHE F 123 -9.80 -28.78 -9.36
N THR F 124 -8.59 -29.05 -9.83
CA THR F 124 -8.40 -29.91 -10.99
C THR F 124 -7.02 -30.57 -10.95
N ARG F 125 -6.92 -31.83 -11.37
CA ARG F 125 -5.59 -32.41 -11.54
C ARG F 125 -4.89 -31.99 -12.83
N TYR F 126 -5.65 -31.88 -13.92
CA TYR F 126 -5.10 -31.56 -15.23
C TYR F 126 -5.59 -30.27 -15.86
N GLU F 127 -4.68 -29.46 -16.37
CA GLU F 127 -5.03 -28.29 -17.17
C GLU F 127 -6.21 -28.54 -18.14
N ASP F 128 -6.25 -29.75 -18.73
CA ASP F 128 -7.28 -30.13 -19.69
C ASP F 128 -8.67 -30.04 -19.06
N ASP F 129 -8.86 -30.80 -18.00
CA ASP F 129 -10.09 -30.73 -17.19
C ASP F 129 -10.51 -29.27 -16.91
N MET F 130 -9.58 -28.46 -16.39
CA MET F 130 -9.86 -27.05 -16.16
C MET F 130 -10.43 -26.36 -17.39
N PHE F 131 -9.73 -26.51 -18.52
CA PHE F 131 -10.14 -25.88 -19.78
C PHE F 131 -11.57 -26.27 -20.16
N GLN F 132 -11.87 -27.56 -20.03
CA GLN F 132 -13.23 -28.03 -20.34
C GLN F 132 -14.27 -27.34 -19.45
N ILE F 133 -14.03 -27.41 -18.15
CA ILE F 133 -14.94 -26.83 -17.16
C ILE F 133 -15.23 -25.35 -17.45
N VAL F 134 -14.18 -24.52 -17.44
CA VAL F 134 -14.39 -23.10 -17.66
C VAL F 134 -15.00 -22.82 -19.00
N GLU F 135 -14.60 -23.55 -20.04
CA GLU F 135 -15.16 -23.29 -21.36
C GLU F 135 -16.65 -23.55 -21.39
N GLN F 136 -17.12 -24.39 -20.46
CA GLN F 136 -18.55 -24.50 -20.24
C GLN F 136 -19.15 -23.34 -19.38
N ILE F 137 -18.37 -22.75 -18.49
CA ILE F 137 -18.91 -21.60 -17.72
C ILE F 137 -18.81 -20.21 -18.42
N LEU F 138 -17.57 -19.79 -18.71
CA LEU F 138 -17.20 -18.47 -19.21
C LEU F 138 -17.99 -17.84 -20.36
N PRO F 139 -18.34 -18.61 -21.40
CA PRO F 139 -18.93 -17.90 -22.54
C PRO F 139 -20.33 -17.31 -22.30
N TYR F 140 -21.00 -17.72 -21.23
CA TYR F 140 -22.36 -17.22 -20.93
C TYR F 140 -22.42 -15.87 -20.17
N PHE F 141 -21.27 -15.37 -19.72
CA PHE F 141 -21.21 -14.13 -18.95
C PHE F 141 -20.56 -12.99 -19.73
N GLN F 142 -21.38 -12.10 -20.30
CA GLN F 142 -20.85 -11.08 -21.22
C GLN F 142 -21.16 -9.62 -20.85
N PRO F 143 -20.63 -9.13 -19.71
CA PRO F 143 -19.92 -9.87 -18.67
C PRO F 143 -20.95 -10.47 -17.73
N HIS F 144 -22.22 -10.17 -18.03
CA HIS F 144 -23.33 -10.61 -17.19
C HIS F 144 -24.07 -11.76 -17.84
N PHE F 145 -25.04 -12.28 -17.10
CA PHE F 145 -25.91 -13.34 -17.54
C PHE F 145 -27.21 -13.13 -16.79
N ASN F 146 -28.32 -13.01 -17.52
CA ASN F 146 -29.60 -12.78 -16.87
C ASN F 146 -30.34 -14.08 -16.62
N THR F 147 -31.09 -14.13 -15.52
CA THR F 147 -32.04 -15.21 -15.29
C THR F 147 -33.32 -14.68 -14.66
N THR F 148 -34.44 -15.20 -15.12
CA THR F 148 -35.72 -14.82 -14.53
C THR F 148 -36.12 -15.91 -13.55
N MET F 149 -36.21 -15.55 -12.28
CA MET F 149 -36.55 -16.51 -11.26
C MET F 149 -38.00 -16.31 -10.85
N TYR F 150 -38.79 -17.38 -10.90
CA TYR F 150 -40.16 -17.30 -10.41
C TYR F 150 -40.27 -17.97 -9.06
N GLU F 151 -40.60 -17.18 -8.04
CA GLU F 151 -40.80 -17.77 -6.72
C GLU F 151 -42.25 -17.62 -6.25
N GLN F 152 -42.89 -18.75 -5.98
CA GLN F 152 -44.30 -18.76 -5.63
C GLN F 152 -44.54 -19.22 -4.21
N PHE F 153 -45.35 -18.44 -3.48
CA PHE F 153 -45.67 -18.75 -2.09
C PHE F 153 -46.98 -19.52 -2.00
N GLY F 154 -46.92 -20.77 -1.56
CA GLY F 154 -48.11 -21.60 -1.48
C GLY F 154 -48.74 -21.71 -2.84
N ASN F 155 -49.78 -20.90 -3.07
CA ASN F 155 -50.50 -20.96 -4.34
C ASN F 155 -50.86 -19.62 -4.96
N ASP F 156 -50.39 -18.53 -4.37
CA ASP F 156 -50.58 -17.20 -4.95
C ASP F 156 -49.95 -17.12 -6.33
N ILE F 157 -50.26 -16.04 -7.05
CA ILE F 157 -49.54 -15.75 -8.28
C ILE F 157 -48.06 -15.59 -7.94
N PRO F 158 -47.20 -16.32 -8.68
CA PRO F 158 -45.76 -16.28 -8.36
C PRO F 158 -45.19 -14.89 -8.55
N PHE F 159 -44.13 -14.60 -7.80
CA PHE F 159 -43.36 -13.39 -8.00
C PHE F 159 -42.31 -13.61 -9.09
N LYS F 160 -42.14 -12.58 -9.92
CA LYS F 160 -41.13 -12.54 -10.94
C LYS F 160 -39.95 -11.71 -10.45
N ARG F 161 -38.77 -12.33 -10.39
CA ARG F 161 -37.57 -11.67 -9.90
C ARG F 161 -36.49 -11.69 -10.95
N ASP F 162 -36.02 -10.51 -11.37
CA ASP F 162 -35.00 -10.41 -12.42
C ASP F 162 -33.60 -10.41 -11.82
N ILE F 163 -32.82 -11.40 -12.18
CA ILE F 163 -31.54 -11.64 -11.54
C ILE F 163 -30.39 -11.47 -12.53
N LYS F 164 -29.55 -10.46 -12.29
CA LYS F 164 -28.38 -10.28 -13.11
C LYS F 164 -27.21 -10.89 -12.38
N ILE F 165 -26.53 -11.84 -13.01
CA ILE F 165 -25.32 -12.39 -12.42
C ILE F 165 -24.12 -11.94 -13.22
N VAL F 166 -23.17 -11.24 -12.59
CA VAL F 166 -22.02 -10.72 -13.32
C VAL F 166 -20.71 -11.39 -12.93
N LEU F 167 -19.97 -11.87 -13.93
CA LEU F 167 -18.61 -12.38 -13.73
C LEU F 167 -17.64 -11.23 -13.52
N MET F 168 -17.16 -11.09 -12.29
CA MET F 168 -16.36 -9.94 -11.88
C MET F 168 -14.87 -10.11 -12.16
N SER F 169 -14.33 -11.28 -11.81
CA SER F 169 -12.89 -11.48 -11.92
C SER F 169 -12.57 -12.95 -11.99
N ALA F 170 -11.34 -13.27 -12.44
CA ALA F 170 -10.84 -14.64 -12.34
C ALA F 170 -9.50 -14.59 -11.62
N ALA F 171 -9.15 -15.67 -10.95
CA ALA F 171 -7.91 -15.75 -10.18
C ALA F 171 -7.28 -17.10 -10.39
N ILE F 172 -6.03 -17.13 -10.86
CA ILE F 172 -5.39 -18.41 -11.20
C ILE F 172 -4.20 -18.80 -10.31
N ASP F 173 -4.18 -20.03 -9.82
CA ASP F 173 -3.14 -20.43 -8.85
C ASP F 173 -2.84 -21.93 -8.91
N GLU F 174 -1.64 -22.31 -8.47
CA GLU F 174 -1.26 -23.72 -8.41
C GLU F 174 -0.93 -24.21 -7.01
N ALA F 175 -0.70 -25.52 -6.89
CA ALA F 175 -0.27 -26.14 -5.64
C ALA F 175 0.48 -27.42 -5.98
N ILE F 176 1.61 -27.67 -5.31
CA ILE F 176 2.49 -28.75 -5.72
C ILE F 176 2.97 -29.66 -4.58
N ASP F 177 3.16 -30.94 -4.93
CA ASP F 177 3.93 -31.90 -4.13
C ASP F 177 4.43 -33.04 -5.02
N GLY F 178 5.62 -32.86 -5.60
CA GLY F 178 6.17 -33.85 -6.51
C GLY F 178 6.54 -33.25 -7.85
N ARG F 183 2.06 -33.74 -8.49
CA ARG F 183 1.94 -32.95 -9.73
C ARG F 183 1.73 -31.42 -9.58
N ARG F 184 0.74 -30.93 -8.82
CA ARG F 184 -0.24 -31.72 -8.07
C ARG F 184 -1.69 -31.24 -8.28
N ARG F 185 -1.95 -29.96 -8.06
CA ARG F 185 -3.33 -29.48 -8.05
C ARG F 185 -3.53 -28.04 -8.57
N ILE F 186 -4.46 -27.87 -9.51
CA ILE F 186 -4.72 -26.58 -10.15
C ILE F 186 -5.98 -25.94 -9.63
N GLU F 187 -5.91 -24.65 -9.28
CA GLU F 187 -7.08 -23.94 -8.77
C GLU F 187 -7.36 -22.65 -9.53
N TRP F 188 -8.55 -22.56 -10.10
CA TRP F 188 -9.03 -21.29 -10.65
C TRP F 188 -10.28 -20.82 -9.90
N SER F 189 -10.35 -19.55 -9.54
CA SER F 189 -11.54 -19.04 -8.89
C SER F 189 -12.19 -17.91 -9.67
N LEU F 190 -13.46 -18.10 -10.02
CA LEU F 190 -14.31 -17.05 -10.58
C LEU F 190 -15.03 -16.29 -9.47
N THR F 191 -15.06 -14.97 -9.56
CA THR F 191 -15.86 -14.21 -8.62
C THR F 191 -17.10 -13.63 -9.30
N PHE F 192 -18.27 -13.96 -8.78
CA PHE F 192 -19.51 -13.51 -9.39
C PHE F 192 -20.30 -12.56 -8.50
N GLU F 193 -20.88 -11.54 -9.13
CA GLU F 193 -21.82 -10.68 -8.44
C GLU F 193 -23.26 -11.05 -8.82
N VAL F 194 -24.01 -11.52 -7.84
CA VAL F 194 -25.43 -11.76 -8.00
C VAL F 194 -26.24 -10.56 -7.54
N ASN F 195 -27.00 -9.96 -8.45
CA ASN F 195 -27.87 -8.85 -8.12
C ASN F 195 -29.28 -9.36 -7.84
N GLY F 196 -29.60 -9.54 -6.57
CA GLY F 196 -30.83 -10.22 -6.22
C GLY F 196 -31.75 -9.43 -5.31
N TRP F 197 -32.62 -10.16 -4.62
CA TRP F 197 -33.62 -9.54 -3.77
C TRP F 197 -33.71 -10.20 -2.41
N MET F 198 -33.88 -9.37 -1.39
CA MET F 198 -33.90 -9.80 -0.01
C MET F 198 -35.20 -9.30 0.65
N TYR F 199 -35.67 -10.04 1.67
CA TYR F 199 -36.85 -9.67 2.45
C TYR F 199 -36.93 -10.54 3.71
N PRO F 200 -37.54 -10.01 4.77
CA PRO F 200 -37.54 -10.68 6.08
C PRO F 200 -38.17 -12.06 6.05
N PRO F 201 -37.64 -13.00 6.86
CA PRO F 201 -38.02 -14.41 6.95
C PRO F 201 -39.51 -14.65 6.82
N VAL F 202 -39.89 -15.47 5.85
CA VAL F 202 -41.26 -15.94 5.70
C VAL F 202 -41.29 -17.38 6.19
N ASP F 203 -41.95 -17.62 7.32
CA ASP F 203 -41.84 -18.91 8.01
C ASP F 203 -42.14 -20.13 7.13
N ASP F 204 -41.37 -21.20 7.33
CA ASP F 204 -41.59 -22.45 6.62
C ASP F 204 -43.01 -22.93 6.90
N ALA F 205 -43.45 -22.76 8.15
CA ALA F 205 -44.78 -23.16 8.58
C ALA F 205 -45.89 -22.48 7.78
N GLU F 206 -45.63 -21.26 7.32
CA GLU F 206 -46.58 -20.49 6.54
C GLU F 206 -46.59 -20.88 5.06
N GLY F 207 -45.95 -21.99 4.72
CA GLY F 207 -45.93 -22.51 3.35
C GLY F 207 -44.58 -22.44 2.67
N LEU F 208 -44.13 -23.55 2.08
CA LEU F 208 -42.85 -23.59 1.40
C LEU F 208 -42.87 -22.86 0.05
N ILE F 209 -41.73 -22.33 -0.34
CA ILE F 209 -41.65 -21.48 -1.53
C ILE F 209 -41.16 -22.27 -2.72
N ARG F 210 -42.00 -22.36 -3.75
CA ARG F 210 -41.65 -23.04 -5.00
C ARG F 210 -40.79 -22.13 -5.87
N THR F 211 -39.68 -22.63 -6.38
CA THR F 211 -38.79 -21.75 -7.15
C THR F 211 -38.40 -22.35 -8.49
N THR F 212 -38.52 -21.54 -9.55
CA THR F 212 -38.05 -21.91 -10.89
C THR F 212 -37.11 -20.83 -11.39
N TYR F 213 -36.35 -21.14 -12.44
CA TYR F 213 -35.45 -20.17 -13.05
C TYR F 213 -35.03 -20.57 -14.46
N THR F 214 -34.55 -19.61 -15.23
CA THR F 214 -34.06 -19.89 -16.57
C THR F 214 -32.59 -20.26 -16.44
N ASP F 215 -32.18 -21.41 -16.99
CA ASP F 215 -30.77 -21.78 -16.94
C ASP F 215 -29.98 -21.06 -18.00
N PHE F 216 -28.79 -21.58 -18.31
CA PHE F 216 -27.86 -20.91 -19.23
C PHE F 216 -28.36 -20.86 -20.67
N HIS F 217 -29.29 -21.75 -21.02
CA HIS F 217 -29.92 -21.77 -22.32
C HIS F 217 -31.36 -21.32 -22.23
N ALA F 218 -31.65 -20.41 -21.32
CA ALA F 218 -33.01 -19.91 -21.12
C ALA F 218 -34.05 -21.02 -20.97
N ASN F 219 -33.65 -22.16 -20.41
CA ASN F 219 -34.58 -23.24 -20.11
C ASN F 219 -35.11 -23.19 -18.69
N THR F 220 -36.43 -23.13 -18.54
CA THR F 220 -37.02 -23.04 -17.21
C THR F 220 -36.88 -24.35 -16.43
N ARG F 221 -35.82 -24.45 -15.63
CA ARG F 221 -35.68 -25.55 -14.69
C ARG F 221 -36.29 -25.13 -13.36
N ASP F 222 -36.63 -26.09 -12.50
CA ASP F 222 -37.08 -25.72 -11.18
C ASP F 222 -35.99 -25.99 -10.16
N LEU F 223 -35.69 -24.94 -9.39
CA LEU F 223 -34.69 -24.97 -8.33
C LEU F 223 -34.92 -26.11 -7.34
N PRO F 224 -33.97 -27.05 -7.27
CA PRO F 224 -34.04 -28.25 -6.43
C PRO F 224 -33.85 -27.86 -4.99
N ASP F 225 -34.11 -28.79 -4.07
CA ASP F 225 -33.71 -28.60 -2.68
C ASP F 225 -32.21 -28.46 -2.61
N GLY F 226 -31.72 -27.92 -1.49
CA GLY F 226 -30.30 -27.75 -1.31
C GLY F 226 -29.56 -29.08 -1.36
N GLU F 227 -30.15 -30.10 -0.73
CA GLU F 227 -29.52 -31.40 -0.62
C GLU F 227 -29.37 -32.05 -1.99
N GLY F 228 -30.20 -31.61 -2.95
CA GLY F 228 -30.14 -32.11 -4.31
C GLY F 228 -28.93 -31.59 -5.06
N VAL F 229 -28.59 -30.32 -4.82
CA VAL F 229 -27.50 -29.66 -5.55
C VAL F 229 -26.11 -29.95 -5.02
N PHE F 230 -25.87 -29.62 -3.77
CA PHE F 230 -24.53 -29.72 -3.20
C PHE F 230 -24.22 -31.09 -2.60
N GLU F 231 -23.04 -31.60 -2.90
CA GLU F 231 -22.50 -32.73 -2.18
C GLU F 231 -22.17 -32.26 -0.77
N SER F 232 -22.31 -33.15 0.20
CA SER F 232 -22.01 -32.77 1.58
C SER F 232 -20.52 -32.75 1.76
N VAL F 233 -20.00 -31.61 2.21
CA VAL F 233 -18.58 -31.52 2.52
C VAL F 233 -18.31 -32.25 3.86
N ASP F 234 -19.38 -32.54 4.59
CA ASP F 234 -19.29 -33.27 5.84
C ASP F 234 -19.46 -34.78 5.65
#